data_2GJU
#
_entry.id   2GJU
#
_cell.length_a   99.742
_cell.length_b   129.571
_cell.length_c   113.557
_cell.angle_alpha   90.00
_cell.angle_beta   104.46
_cell.angle_gamma   90.00
#
_symmetry.space_group_name_H-M   'C 1 2 1'
#
loop_
_entity.id
_entity.type
_entity.pdbx_description
1 polymer '252aa long hypothetical protein'
2 non-polymer 'SODIUM ION'
3 non-polymer 'PHOSPHATE ION'
4 water water
#
_entity_poly.entity_id   1
_entity_poly.type   'polypeptide(L)'
_entity_poly.pdbx_seq_one_letter_code
;MVYVAVLANIAGNFPALTAALEKIEELKEEGYEIEKYYILGNIVGLFPYPREVIEAIKNLAKTSNVKVIRGKYDQLIAMS
DPHAGDPKYIDKLEIPDHLKATLKYTWEKLGHEGREYLRDLPIYLVDKIGKNEIFGVYGSPVNPFDGEILPDQPTSYYEA
IMRPVKEYEMLLVASPRYPLDAMTMYGRVVCPGSIGFPPAREHKATFALVDAETLKVKFIEVEYDKKIIEDRIKLEKLPE
EVIKILYHGGKA
;
_entity_poly.pdbx_strand_id   A,B,C,D
#
# COMPACT_ATOMS: atom_id res chain seq x y z
N MET A 1 -5.88 5.15 11.77
CA MET A 1 -5.24 4.36 12.86
C MET A 1 -4.50 3.16 12.28
N VAL A 2 -3.88 2.40 13.17
CA VAL A 2 -3.10 1.24 12.78
C VAL A 2 -3.74 -0.10 13.14
N TYR A 3 -3.77 -1.00 12.16
CA TYR A 3 -4.34 -2.32 12.35
C TYR A 3 -3.31 -3.34 11.87
N VAL A 4 -3.48 -4.59 12.29
CA VAL A 4 -2.60 -5.65 11.84
C VAL A 4 -3.52 -6.52 11.01
N ALA A 5 -3.11 -6.84 9.79
CA ALA A 5 -3.93 -7.67 8.94
C ALA A 5 -3.63 -9.15 9.21
N VAL A 6 -4.68 -9.94 9.38
CA VAL A 6 -4.53 -11.36 9.65
C VAL A 6 -5.29 -12.13 8.59
N LEU A 7 -4.58 -12.97 7.85
CA LEU A 7 -5.18 -13.77 6.79
C LEU A 7 -4.90 -15.24 7.05
N ALA A 8 -5.74 -16.12 6.51
CA ALA A 8 -5.54 -17.55 6.69
C ALA A 8 -6.18 -18.42 5.61
N ASN A 9 -5.65 -19.62 5.44
CA ASN A 9 -6.18 -20.58 4.48
C ASN A 9 -6.35 -20.07 3.05
N ILE A 10 -5.25 -19.67 2.44
CA ILE A 10 -5.27 -19.21 1.06
C ILE A 10 -5.45 -20.49 0.24
N ALA A 11 -4.78 -21.55 0.70
CA ALA A 11 -4.83 -22.87 0.10
C ALA A 11 -4.60 -22.94 -1.41
N GLY A 12 -3.72 -22.08 -1.91
CA GLY A 12 -3.42 -22.07 -3.33
C GLY A 12 -4.38 -21.30 -4.22
N ASN A 13 -5.29 -20.55 -3.62
CA ASN A 13 -6.27 -19.76 -4.36
C ASN A 13 -5.74 -18.34 -4.55
N PHE A 14 -4.99 -18.14 -5.64
CA PHE A 14 -4.40 -16.85 -5.97
C PHE A 14 -5.41 -15.70 -6.19
N PRO A 15 -6.50 -15.96 -6.94
CA PRO A 15 -7.49 -14.91 -7.19
C PRO A 15 -8.08 -14.35 -5.89
N ALA A 16 -8.41 -15.24 -4.96
CA ALA A 16 -8.97 -14.85 -3.68
C ALA A 16 -7.95 -14.00 -2.91
N LEU A 17 -6.70 -14.43 -2.91
CA LEU A 17 -5.64 -13.70 -2.23
C LEU A 17 -5.49 -12.31 -2.83
N THR A 18 -5.40 -12.23 -4.15
CA THR A 18 -5.24 -10.95 -4.82
C THR A 18 -6.40 -10.01 -4.49
N ALA A 19 -7.61 -10.54 -4.46
CA ALA A 19 -8.77 -9.73 -4.14
C ALA A 19 -8.63 -9.16 -2.73
N ALA A 20 -8.19 -9.99 -1.80
CA ALA A 20 -8.01 -9.55 -0.41
C ALA A 20 -6.93 -8.47 -0.28
N LEU A 21 -5.78 -8.70 -0.90
CA LEU A 21 -4.70 -7.74 -0.82
C LEU A 21 -5.06 -6.39 -1.45
N GLU A 22 -5.85 -6.43 -2.52
CA GLU A 22 -6.29 -5.21 -3.17
C GLU A 22 -7.29 -4.46 -2.31
N LYS A 23 -8.16 -5.20 -1.61
CA LYS A 23 -9.13 -4.57 -0.74
C LYS A 23 -8.36 -3.84 0.37
N ILE A 24 -7.29 -4.46 0.86
CA ILE A 24 -6.48 -3.87 1.91
C ILE A 24 -5.79 -2.59 1.42
N GLU A 25 -5.33 -2.59 0.17
CA GLU A 25 -4.69 -1.41 -0.39
C GLU A 25 -5.68 -0.26 -0.42
N GLU A 26 -6.93 -0.61 -0.69
CA GLU A 26 -8.02 0.36 -0.75
C GLU A 26 -8.41 0.90 0.62
N LEU A 27 -8.46 0.01 1.60
CA LEU A 27 -8.81 0.41 2.96
C LEU A 27 -7.76 1.36 3.53
N LYS A 28 -6.55 1.28 3.01
CA LYS A 28 -5.49 2.16 3.47
C LYS A 28 -5.78 3.58 3.00
N GLU A 29 -6.65 3.68 2.00
CA GLU A 29 -7.05 4.98 1.47
C GLU A 29 -8.25 5.44 2.30
N GLU A 30 -8.72 4.55 3.17
CA GLU A 30 -9.87 4.83 4.01
C GLU A 30 -9.58 4.98 5.50
N GLY A 31 -8.36 5.39 5.83
CA GLY A 31 -8.03 5.58 7.23
C GLY A 31 -7.31 4.41 7.91
N TYR A 32 -7.19 3.29 7.21
CA TYR A 32 -6.51 2.14 7.78
C TYR A 32 -5.02 2.18 7.45
N GLU A 33 -4.21 2.01 8.47
CA GLU A 33 -2.78 1.93 8.32
C GLU A 33 -2.39 0.59 8.84
N ILE A 34 -1.72 -0.19 7.98
CA ILE A 34 -1.50 -1.61 8.26
C ILE A 34 0.00 -1.79 8.47
N GLU A 35 0.42 -1.93 9.74
CA GLU A 35 1.86 -2.00 10.01
C GLU A 35 2.49 -3.36 9.67
N LYS A 36 1.69 -4.42 9.70
CA LYS A 36 2.22 -5.75 9.41
C LYS A 36 1.11 -6.73 9.04
N TYR A 37 1.51 -7.88 8.51
CA TYR A 37 0.56 -8.91 8.11
C TYR A 37 0.91 -10.24 8.76
N TYR A 38 -0.13 -10.98 9.17
CA TYR A 38 0.02 -12.31 9.74
C TYR A 38 -0.71 -13.19 8.73
N ILE A 39 -0.01 -14.16 8.16
CA ILE A 39 -0.62 -15.04 7.17
C ILE A 39 -0.56 -16.50 7.63
N LEU A 40 -1.75 -16.98 8.02
CA LEU A 40 -1.83 -18.37 8.48
C LEU A 40 -2.11 -19.32 7.33
N GLY A 41 -1.63 -20.57 7.49
CA GLY A 41 -1.89 -21.57 6.49
C GLY A 41 -3.31 -22.12 6.63
N ASN A 42 -3.70 -22.96 5.66
CA ASN A 42 -2.78 -23.43 4.60
C ASN A 42 -2.50 -22.41 3.52
N ILE A 43 -1.21 -22.37 3.12
CA ILE A 43 -0.81 -21.40 2.09
C ILE A 43 -1.09 -21.94 0.68
N VAL A 44 -0.76 -23.23 0.50
CA VAL A 44 -0.99 -23.96 -0.77
C VAL A 44 -1.63 -25.33 -0.53
N GLY A 45 -1.79 -26.11 -1.60
CA GLY A 45 -2.34 -27.45 -1.43
C GLY A 45 -3.62 -27.92 -2.12
N LEU A 46 -4.60 -27.03 -2.26
CA LEU A 46 -5.88 -27.39 -2.86
C LEU A 46 -6.10 -26.82 -4.25
N PHE A 47 -6.11 -25.49 -4.35
CA PHE A 47 -6.32 -24.83 -5.63
C PHE A 47 -5.01 -24.74 -6.41
N PRO A 48 -5.07 -24.78 -7.75
CA PRO A 48 -3.96 -24.75 -8.70
C PRO A 48 -3.02 -23.55 -8.87
N TYR A 49 -2.92 -22.66 -7.90
CA TYR A 49 -2.02 -21.50 -8.05
C TYR A 49 -0.94 -21.46 -6.98
N PRO A 50 -0.28 -22.60 -6.70
CA PRO A 50 0.75 -22.59 -5.65
C PRO A 50 1.89 -21.59 -5.87
N ARG A 51 2.45 -21.56 -7.08
CA ARG A 51 3.53 -20.64 -7.39
C ARG A 51 3.13 -19.17 -7.30
N GLU A 52 1.97 -18.83 -7.84
CA GLU A 52 1.50 -17.45 -7.81
C GLU A 52 1.22 -16.97 -6.39
N VAL A 53 0.75 -17.87 -5.53
CA VAL A 53 0.47 -17.51 -4.15
C VAL A 53 1.77 -17.17 -3.43
N ILE A 54 2.76 -18.05 -3.54
CA ILE A 54 4.04 -17.82 -2.88
C ILE A 54 4.73 -16.56 -3.40
N GLU A 55 4.66 -16.36 -4.71
CA GLU A 55 5.29 -15.18 -5.31
C GLU A 55 4.63 -13.91 -4.77
N ALA A 56 3.31 -13.93 -4.67
CA ALA A 56 2.56 -12.78 -4.16
C ALA A 56 2.93 -12.47 -2.70
N ILE A 57 3.14 -13.52 -1.92
CA ILE A 57 3.51 -13.34 -0.52
C ILE A 57 4.96 -12.83 -0.43
N LYS A 58 5.85 -13.43 -1.21
CA LYS A 58 7.24 -13.00 -1.22
C LYS A 58 7.34 -11.52 -1.60
N ASN A 59 6.53 -11.09 -2.57
CA ASN A 59 6.55 -9.70 -3.02
C ASN A 59 6.04 -8.76 -1.92
N LEU A 60 5.01 -9.20 -1.21
CA LEU A 60 4.44 -8.39 -0.13
C LEU A 60 5.46 -8.22 0.99
N ALA A 61 6.16 -9.31 1.31
CA ALA A 61 7.16 -9.33 2.39
C ALA A 61 8.35 -8.39 2.17
N LYS A 62 8.57 -8.00 0.92
CA LYS A 62 9.68 -7.11 0.58
C LYS A 62 9.44 -5.66 0.96
N THR A 63 8.16 -5.28 0.99
CA THR A 63 7.81 -3.90 1.29
C THR A 63 6.94 -3.75 2.52
N SER A 64 6.64 -4.86 3.17
CA SER A 64 5.84 -4.86 4.39
C SER A 64 6.38 -5.95 5.31
N ASN A 65 5.99 -5.89 6.57
CA ASN A 65 6.40 -6.86 7.57
C ASN A 65 5.39 -7.99 7.52
N VAL A 66 5.79 -9.12 6.95
CA VAL A 66 4.91 -10.27 6.82
C VAL A 66 5.41 -11.51 7.55
N LYS A 67 4.60 -12.02 8.47
CA LYS A 67 4.97 -13.24 9.20
C LYS A 67 4.01 -14.32 8.72
N VAL A 68 4.58 -15.37 8.14
CA VAL A 68 3.79 -16.46 7.60
C VAL A 68 4.04 -17.76 8.38
N ILE A 69 3.00 -18.56 8.60
CA ILE A 69 3.18 -19.84 9.27
C ILE A 69 2.49 -20.92 8.43
N ARG A 70 3.08 -22.11 8.40
CA ARG A 70 2.58 -23.21 7.61
C ARG A 70 1.33 -23.89 8.17
N GLY A 71 0.55 -24.50 7.27
CA GLY A 71 -0.64 -25.21 7.67
C GLY A 71 -0.46 -26.69 7.41
N LYS A 72 -1.52 -27.47 7.66
CA LYS A 72 -1.49 -28.92 7.46
C LYS A 72 -1.02 -29.32 6.06
N TYR A 73 -1.65 -28.74 5.04
CA TYR A 73 -1.30 -29.07 3.65
C TYR A 73 0.14 -28.72 3.33
N ASP A 74 0.59 -27.58 3.82
CA ASP A 74 1.97 -27.14 3.57
C ASP A 74 2.95 -28.14 4.18
N GLN A 75 2.62 -28.63 5.37
CA GLN A 75 3.47 -29.58 6.07
C GLN A 75 3.51 -30.93 5.36
N LEU A 76 2.40 -31.35 4.78
CA LEU A 76 2.36 -32.63 4.07
C LEU A 76 3.31 -32.63 2.89
N ILE A 77 3.59 -31.44 2.37
CA ILE A 77 4.52 -31.30 1.24
C ILE A 77 5.93 -31.11 1.77
N ALA A 78 6.10 -30.21 2.73
CA ALA A 78 7.41 -29.94 3.31
C ALA A 78 8.08 -31.16 3.96
N MET A 79 7.28 -32.08 4.50
CA MET A 79 7.82 -33.26 5.17
C MET A 79 8.46 -34.30 4.24
N SER A 80 8.19 -34.19 2.95
CA SER A 80 8.76 -35.16 2.01
C SER A 80 10.28 -35.02 1.87
N ASP A 81 10.93 -36.15 1.61
CA ASP A 81 12.38 -36.19 1.43
C ASP A 81 12.74 -35.10 0.41
N PRO A 82 13.72 -34.24 0.75
CA PRO A 82 14.15 -33.15 -0.14
C PRO A 82 14.47 -33.54 -1.59
N HIS A 83 15.04 -34.72 -1.82
CA HIS A 83 15.29 -35.10 -3.20
C HIS A 83 14.44 -36.28 -3.66
N ALA A 84 13.17 -36.28 -3.28
CA ALA A 84 12.27 -37.33 -3.73
C ALA A 84 12.12 -37.04 -5.22
N GLY A 85 11.94 -38.09 -6.02
CA GLY A 85 11.80 -37.89 -7.45
C GLY A 85 10.38 -37.62 -7.89
N ASP A 86 9.43 -37.96 -7.04
CA ASP A 86 8.00 -37.78 -7.32
C ASP A 86 7.23 -37.68 -5.99
N PRO A 87 5.94 -37.31 -6.04
CA PRO A 87 5.08 -37.16 -4.86
C PRO A 87 4.26 -38.40 -4.53
N LYS A 88 4.77 -39.58 -4.89
CA LYS A 88 4.08 -40.83 -4.65
C LYS A 88 3.80 -41.13 -3.18
N TYR A 89 4.68 -40.66 -2.29
CA TYR A 89 4.50 -40.89 -0.86
C TYR A 89 3.08 -40.48 -0.45
N ILE A 90 2.53 -39.50 -1.17
CA ILE A 90 1.19 -39.00 -0.87
C ILE A 90 0.07 -40.04 -1.00
N ASP A 91 0.25 -41.03 -1.88
CA ASP A 91 -0.77 -42.06 -2.07
C ASP A 91 -0.98 -42.99 -0.89
N LYS A 92 -0.09 -42.93 0.08
CA LYS A 92 -0.17 -43.77 1.26
C LYS A 92 -0.83 -43.04 2.42
N LEU A 93 -0.80 -41.72 2.37
CA LEU A 93 -1.39 -40.92 3.42
C LEU A 93 -2.89 -41.15 3.54
N GLU A 94 -3.40 -41.03 4.76
CA GLU A 94 -4.82 -41.22 5.03
C GLU A 94 -5.61 -39.96 4.74
N ILE A 95 -5.76 -39.62 3.46
CA ILE A 95 -6.50 -38.43 3.08
C ILE A 95 -7.35 -38.73 1.86
N PRO A 96 -8.41 -37.93 1.62
CA PRO A 96 -9.31 -38.14 0.47
C PRO A 96 -8.55 -38.20 -0.85
N ASP A 97 -9.12 -38.94 -1.81
CA ASP A 97 -8.51 -39.08 -3.13
C ASP A 97 -8.26 -37.73 -3.79
N HIS A 98 -9.20 -36.81 -3.62
CA HIS A 98 -9.07 -35.49 -4.25
C HIS A 98 -7.88 -34.69 -3.70
N LEU A 99 -7.63 -34.82 -2.40
CA LEU A 99 -6.52 -34.09 -1.78
C LEU A 99 -5.20 -34.69 -2.24
N LYS A 100 -5.17 -36.02 -2.38
CA LYS A 100 -3.96 -36.68 -2.85
C LYS A 100 -3.58 -36.09 -4.19
N ALA A 101 -4.58 -35.86 -5.05
CA ALA A 101 -4.34 -35.30 -6.37
C ALA A 101 -3.79 -33.89 -6.32
N THR A 102 -4.48 -33.00 -5.60
CA THR A 102 -4.04 -31.61 -5.51
C THR A 102 -2.68 -31.46 -4.83
N LEU A 103 -2.40 -32.29 -3.83
CA LEU A 103 -1.11 -32.19 -3.16
C LEU A 103 0.04 -32.64 -4.06
N LYS A 104 -0.21 -33.74 -4.77
CA LYS A 104 0.76 -34.15 -5.78
C LYS A 104 1.00 -33.04 -6.79
N TYR A 105 -0.06 -32.56 -7.36
CA TYR A 105 0.11 -31.47 -8.33
C TYR A 105 0.90 -30.32 -7.73
N THR A 106 0.56 -29.93 -6.50
CA THR A 106 1.26 -28.84 -5.83
C THR A 106 2.74 -29.14 -5.65
N TRP A 107 3.04 -30.34 -5.17
CA TRP A 107 4.42 -30.76 -4.97
C TRP A 107 5.23 -30.58 -6.25
N GLU A 108 4.66 -31.04 -7.35
CA GLU A 108 5.33 -30.95 -8.66
C GLU A 108 5.49 -29.52 -9.15
N LYS A 109 4.40 -28.78 -9.20
CA LYS A 109 4.44 -27.39 -9.67
C LYS A 109 5.35 -26.48 -8.85
N LEU A 110 5.46 -26.74 -7.54
CA LEU A 110 6.30 -25.92 -6.67
C LEU A 110 7.78 -26.06 -7.03
N GLY A 111 8.17 -27.27 -7.43
CA GLY A 111 9.56 -27.51 -7.75
C GLY A 111 10.37 -27.53 -6.47
N HIS A 112 11.68 -27.67 -6.59
CA HIS A 112 12.53 -27.71 -5.41
C HIS A 112 12.51 -26.39 -4.65
N GLU A 113 12.56 -25.27 -5.37
CA GLU A 113 12.55 -23.98 -4.71
C GLU A 113 11.24 -23.70 -3.97
N GLY A 114 10.12 -24.10 -4.55
CA GLY A 114 8.84 -23.89 -3.90
C GLY A 114 8.70 -24.75 -2.66
N ARG A 115 9.18 -25.99 -2.75
CA ARG A 115 9.11 -26.90 -1.61
C ARG A 115 10.03 -26.43 -0.49
N GLU A 116 11.17 -25.86 -0.84
CA GLU A 116 12.10 -25.36 0.15
C GLU A 116 11.49 -24.16 0.86
N TYR A 117 10.72 -23.37 0.14
CA TYR A 117 10.08 -22.21 0.73
C TYR A 117 9.15 -22.67 1.85
N LEU A 118 8.37 -23.72 1.58
CA LEU A 118 7.47 -24.23 2.61
C LEU A 118 8.27 -24.76 3.79
N ARG A 119 9.41 -25.39 3.52
CA ARG A 119 10.23 -25.95 4.58
C ARG A 119 10.79 -24.88 5.50
N ASP A 120 10.94 -23.66 5.00
CA ASP A 120 11.46 -22.56 5.81
C ASP A 120 10.36 -21.86 6.63
N LEU A 121 9.10 -22.16 6.35
CA LEU A 121 8.00 -21.53 7.07
C LEU A 121 7.92 -21.96 8.53
N PRO A 122 7.77 -20.99 9.45
CA PRO A 122 7.67 -21.35 10.87
C PRO A 122 6.34 -22.05 11.13
N ILE A 123 6.23 -22.69 12.28
CA ILE A 123 5.00 -23.37 12.66
C ILE A 123 4.21 -22.47 13.63
N TYR A 124 4.95 -21.74 14.45
CA TYR A 124 4.36 -20.89 15.47
C TYR A 124 4.55 -19.39 15.27
N LEU A 125 3.48 -18.65 15.55
CA LEU A 125 3.50 -17.21 15.47
C LEU A 125 3.52 -16.69 16.90
N VAL A 126 4.59 -15.97 17.25
CA VAL A 126 4.75 -15.39 18.57
C VAL A 126 5.17 -13.98 18.29
N ASP A 127 4.28 -13.04 18.57
CA ASP A 127 4.57 -11.65 18.27
C ASP A 127 3.68 -10.86 19.19
N LYS A 128 3.54 -9.57 18.89
CA LYS A 128 2.66 -8.75 19.66
C LYS A 128 1.96 -7.78 18.71
N ILE A 129 0.71 -7.52 19.00
CA ILE A 129 -0.09 -6.61 18.22
C ILE A 129 -0.22 -5.51 19.26
N GLY A 130 0.33 -4.35 18.95
CA GLY A 130 0.29 -3.27 19.92
C GLY A 130 1.27 -3.73 20.97
N LYS A 131 0.89 -3.60 22.24
CA LYS A 131 1.74 -4.00 23.34
C LYS A 131 1.29 -5.36 23.87
N ASN A 132 0.33 -5.94 23.17
CA ASN A 132 -0.25 -7.23 23.54
C ASN A 132 0.43 -8.44 22.91
N GLU A 133 0.81 -9.40 23.75
CA GLU A 133 1.45 -10.62 23.29
C GLU A 133 0.40 -11.51 22.62
N ILE A 134 0.74 -12.05 21.46
CA ILE A 134 -0.21 -12.94 20.79
C ILE A 134 0.50 -14.20 20.32
N PHE A 135 -0.28 -15.27 20.16
CA PHE A 135 0.25 -16.55 19.74
C PHE A 135 -0.62 -17.06 18.59
N GLY A 136 -0.01 -17.72 17.63
CA GLY A 136 -0.77 -18.21 16.49
C GLY A 136 -0.28 -19.57 16.00
N VAL A 137 -1.23 -20.40 15.58
CA VAL A 137 -0.91 -21.73 15.07
C VAL A 137 -2.06 -22.13 14.15
N TYR A 138 -1.78 -23.01 13.19
CA TYR A 138 -2.80 -23.42 12.24
C TYR A 138 -4.03 -24.15 12.84
N GLY A 139 -3.78 -25.28 13.49
CA GLY A 139 -4.86 -26.07 14.05
C GLY A 139 -5.31 -25.67 15.42
N SER A 140 -4.55 -26.08 16.43
CA SER A 140 -4.86 -25.75 17.82
C SER A 140 -3.56 -25.86 18.60
N PRO A 141 -3.51 -25.24 19.78
CA PRO A 141 -2.31 -25.26 20.62
C PRO A 141 -1.91 -26.69 21.00
N VAL A 142 -2.90 -27.56 21.18
CA VAL A 142 -2.65 -28.96 21.55
C VAL A 142 -2.11 -29.75 20.37
N ASN A 143 -2.55 -29.41 19.16
CA ASN A 143 -2.08 -30.11 17.97
C ASN A 143 -2.05 -29.14 16.79
N PRO A 144 -0.87 -28.57 16.51
CA PRO A 144 -0.64 -27.60 15.44
C PRO A 144 -1.25 -27.91 14.07
N PHE A 145 -1.08 -29.13 13.59
CA PHE A 145 -1.57 -29.48 12.27
C PHE A 145 -2.86 -30.30 12.19
N ASP A 146 -3.11 -31.11 13.21
CA ASP A 146 -4.31 -31.94 13.19
C ASP A 146 -5.41 -31.46 14.13
N GLY A 147 -5.10 -30.49 14.98
CA GLY A 147 -6.09 -29.98 15.90
C GLY A 147 -7.13 -29.12 15.19
N GLU A 148 -8.38 -29.18 15.65
CA GLU A 148 -9.45 -28.41 15.03
C GLU A 148 -10.30 -27.66 16.06
N ILE A 149 -10.24 -26.34 16.03
CA ILE A 149 -11.02 -25.52 16.93
C ILE A 149 -12.28 -25.16 16.15
N LEU A 150 -13.40 -25.67 16.65
CA LEU A 150 -14.70 -25.45 16.02
C LEU A 150 -15.30 -24.08 16.22
N PRO A 151 -16.03 -23.60 15.22
CA PRO A 151 -16.65 -22.29 15.39
C PRO A 151 -17.99 -22.62 16.05
N ASP A 152 -18.70 -21.60 16.52
CA ASP A 152 -20.02 -21.78 17.14
C ASP A 152 -20.13 -22.61 18.41
N GLN A 153 -19.18 -22.45 19.32
CA GLN A 153 -19.24 -23.20 20.55
C GLN A 153 -19.46 -22.21 21.69
N PRO A 154 -19.88 -22.70 22.87
CA PRO A 154 -20.08 -21.77 23.98
C PRO A 154 -18.74 -21.24 24.46
N THR A 155 -18.77 -20.16 25.22
CA THR A 155 -17.56 -19.55 25.76
C THR A 155 -16.68 -20.57 26.48
N SER A 156 -17.31 -21.46 27.24
CA SER A 156 -16.58 -22.48 28.00
C SER A 156 -15.63 -23.30 27.11
N TYR A 157 -16.08 -23.60 25.89
CA TYR A 157 -15.29 -24.36 24.94
C TYR A 157 -13.98 -23.62 24.65
N TYR A 158 -14.11 -22.34 24.30
CA TYR A 158 -12.95 -21.51 23.98
C TYR A 158 -12.08 -21.21 25.18
N GLU A 159 -12.70 -21.10 26.34
CA GLU A 159 -11.96 -20.81 27.57
C GLU A 159 -10.97 -21.94 27.86
N ALA A 160 -11.41 -23.18 27.67
CA ALA A 160 -10.54 -24.33 27.92
C ALA A 160 -9.38 -24.39 26.94
N ILE A 161 -9.62 -23.95 25.71
CA ILE A 161 -8.59 -23.97 24.68
C ILE A 161 -7.57 -22.85 24.90
N MET A 162 -8.03 -21.74 25.47
CA MET A 162 -7.16 -20.60 25.70
C MET A 162 -6.29 -20.77 26.94
N ARG A 163 -6.77 -21.55 27.90
CA ARG A 163 -6.04 -21.74 29.15
C ARG A 163 -4.56 -22.08 29.01
N PRO A 164 -4.21 -23.11 28.21
CA PRO A 164 -2.80 -23.47 28.03
C PRO A 164 -1.93 -22.37 27.41
N VAL A 165 -2.57 -21.33 26.89
CA VAL A 165 -1.83 -20.22 26.30
C VAL A 165 -2.35 -18.90 26.89
N LYS A 166 -2.75 -18.95 28.15
CA LYS A 166 -3.29 -17.79 28.83
C LYS A 166 -2.27 -16.69 29.05
N GLU A 167 -1.00 -16.92 28.77
CA GLU A 167 -0.10 -15.80 28.99
C GLU A 167 -0.24 -14.82 27.83
N TYR A 168 -0.88 -15.24 26.74
CA TYR A 168 -1.08 -14.37 25.57
C TYR A 168 -2.43 -13.70 25.58
N GLU A 169 -2.51 -12.46 25.08
CA GLU A 169 -3.78 -11.75 25.04
C GLU A 169 -4.72 -12.29 23.96
N MET A 170 -4.14 -12.84 22.90
CA MET A 170 -4.95 -13.37 21.80
C MET A 170 -4.33 -14.60 21.17
N LEU A 171 -5.17 -15.57 20.82
CA LEU A 171 -4.75 -16.80 20.16
C LEU A 171 -5.34 -16.75 18.74
N LEU A 172 -4.48 -16.82 17.72
CA LEU A 172 -4.92 -16.78 16.34
C LEU A 172 -4.82 -18.17 15.71
N VAL A 173 -5.93 -18.66 15.18
CA VAL A 173 -5.95 -19.98 14.57
C VAL A 173 -6.69 -19.99 13.24
N ALA A 174 -6.38 -20.95 12.38
CA ALA A 174 -7.03 -21.02 11.09
C ALA A 174 -8.13 -22.06 11.04
N SER A 175 -8.01 -23.09 11.87
CA SER A 175 -8.97 -24.19 11.83
C SER A 175 -10.48 -23.89 11.92
N PRO A 176 -10.89 -22.81 12.61
CA PRO A 176 -12.34 -22.55 12.68
C PRO A 176 -12.96 -22.26 11.30
N ARG A 177 -12.14 -21.82 10.35
CA ARG A 177 -12.59 -21.53 8.99
C ARG A 177 -13.52 -20.34 8.82
N TYR A 178 -14.15 -19.91 9.90
CA TYR A 178 -15.09 -18.79 9.86
C TYR A 178 -14.59 -17.70 10.82
N PRO A 179 -15.05 -16.45 10.63
CA PRO A 179 -14.61 -15.39 11.54
C PRO A 179 -15.00 -15.80 12.96
N LEU A 180 -14.06 -15.71 13.88
CA LEU A 180 -14.29 -16.06 15.27
C LEU A 180 -13.59 -15.03 16.15
N ASP A 181 -14.30 -14.56 17.17
CA ASP A 181 -13.75 -13.59 18.11
C ASP A 181 -14.36 -13.91 19.48
N ALA A 182 -13.79 -14.89 20.16
CA ALA A 182 -14.29 -15.33 21.46
C ALA A 182 -13.46 -14.84 22.64
N MET A 183 -14.03 -13.93 23.43
CA MET A 183 -13.34 -13.44 24.60
C MET A 183 -13.55 -14.44 25.73
N THR A 184 -12.49 -14.74 26.45
CA THR A 184 -12.56 -15.66 27.57
C THR A 184 -11.78 -15.02 28.70
N MET A 185 -11.85 -15.61 29.89
CA MET A 185 -11.14 -15.06 31.05
C MET A 185 -9.64 -15.19 30.85
N TYR A 186 -9.23 -16.03 29.91
CA TYR A 186 -7.81 -16.21 29.65
C TYR A 186 -7.34 -15.50 28.40
N GLY A 187 -8.20 -14.71 27.78
CA GLY A 187 -7.79 -14.03 26.55
C GLY A 187 -8.73 -14.33 25.40
N ARG A 188 -8.46 -13.77 24.23
CA ARG A 188 -9.34 -13.99 23.08
C ARG A 188 -8.90 -14.98 22.02
N VAL A 189 -9.82 -15.87 21.63
CA VAL A 189 -9.54 -16.85 20.58
C VAL A 189 -10.11 -16.26 19.30
N VAL A 190 -9.25 -16.09 18.30
CA VAL A 190 -9.64 -15.48 17.04
C VAL A 190 -9.30 -16.27 15.78
N CYS A 191 -10.21 -16.22 14.81
CA CYS A 191 -10.00 -16.84 13.50
C CYS A 191 -10.39 -15.73 12.52
N PRO A 192 -9.50 -15.40 11.58
CA PRO A 192 -9.78 -14.34 10.60
C PRO A 192 -10.75 -14.76 9.52
N GLY A 193 -11.06 -16.05 9.48
CA GLY A 193 -11.94 -16.55 8.45
C GLY A 193 -11.07 -17.26 7.43
N SER A 194 -11.60 -17.50 6.23
CA SER A 194 -10.84 -18.19 5.22
C SER A 194 -10.68 -17.35 3.95
N ILE A 195 -9.44 -17.21 3.49
CA ILE A 195 -9.15 -16.45 2.28
C ILE A 195 -9.61 -17.15 1.00
N GLY A 196 -9.07 -18.33 0.73
CA GLY A 196 -9.43 -19.01 -0.50
C GLY A 196 -9.94 -20.43 -0.42
N PHE A 197 -10.21 -20.90 0.80
CA PHE A 197 -10.70 -22.25 1.02
C PHE A 197 -12.15 -22.13 1.52
N PRO A 198 -13.11 -22.19 0.58
CA PRO A 198 -14.54 -22.08 0.90
C PRO A 198 -15.03 -23.11 1.92
N PRO A 199 -15.70 -22.64 2.98
CA PRO A 199 -16.24 -23.53 4.02
C PRO A 199 -17.65 -23.96 3.65
N ALA A 200 -18.28 -23.15 2.79
CA ALA A 200 -19.64 -23.39 2.34
C ALA A 200 -19.85 -22.69 1.00
N ARG A 201 -21.12 -22.47 0.63
CA ARG A 201 -21.45 -21.80 -0.62
C ARG A 201 -21.22 -20.29 -0.56
N GLU A 202 -21.22 -19.68 -1.74
CA GLU A 202 -21.03 -18.23 -1.88
C GLU A 202 -19.88 -17.72 -1.02
N HIS A 203 -18.74 -18.39 -1.07
CA HIS A 203 -17.61 -17.95 -0.27
C HIS A 203 -17.02 -16.63 -0.77
N LYS A 204 -16.62 -15.79 0.17
CA LYS A 204 -15.99 -14.51 -0.14
C LYS A 204 -14.66 -14.54 0.61
N ALA A 205 -13.59 -14.06 -0.03
CA ALA A 205 -12.28 -14.04 0.62
C ALA A 205 -12.48 -13.25 1.91
N THR A 206 -12.19 -13.88 3.03
CA THR A 206 -12.40 -13.26 4.32
C THR A 206 -11.12 -13.18 5.14
N PHE A 207 -10.94 -12.04 5.81
CA PHE A 207 -9.78 -11.83 6.66
C PHE A 207 -10.13 -10.83 7.78
N ALA A 208 -9.18 -10.58 8.68
CA ALA A 208 -9.43 -9.67 9.78
C ALA A 208 -8.41 -8.56 9.93
N LEU A 209 -8.85 -7.45 10.51
CA LEU A 209 -8.00 -6.31 10.77
C LEU A 209 -8.13 -6.10 12.27
N VAL A 210 -7.03 -6.21 13.01
CA VAL A 210 -7.14 -6.01 14.44
C VAL A 210 -6.46 -4.71 14.88
N ASP A 211 -7.18 -3.92 15.66
CA ASP A 211 -6.70 -2.64 16.15
C ASP A 211 -5.51 -2.86 17.07
N ALA A 212 -4.34 -2.35 16.67
CA ALA A 212 -3.12 -2.53 17.45
C ALA A 212 -3.18 -1.91 18.84
N GLU A 213 -4.07 -0.95 19.02
CA GLU A 213 -4.21 -0.25 20.29
C GLU A 213 -5.25 -0.87 21.22
N THR A 214 -6.42 -1.13 20.65
CA THR A 214 -7.55 -1.68 21.38
C THR A 214 -7.81 -3.16 21.18
N LEU A 215 -7.10 -3.77 20.26
CA LEU A 215 -7.26 -5.19 19.96
C LEU A 215 -8.63 -5.60 19.42
N LYS A 216 -9.49 -4.64 19.11
CA LYS A 216 -10.80 -5.03 18.61
C LYS A 216 -10.63 -5.58 17.20
N VAL A 217 -11.46 -6.56 16.85
CA VAL A 217 -11.37 -7.20 15.54
C VAL A 217 -12.46 -6.84 14.55
N LYS A 218 -12.05 -6.48 13.34
CA LYS A 218 -13.00 -6.17 12.28
C LYS A 218 -12.79 -7.23 11.21
N PHE A 219 -13.89 -7.79 10.69
CA PHE A 219 -13.79 -8.79 9.65
C PHE A 219 -14.17 -8.20 8.31
N ILE A 220 -13.40 -8.53 7.29
CA ILE A 220 -13.62 -8.04 5.93
C ILE A 220 -13.91 -9.19 4.97
N GLU A 221 -14.87 -8.98 4.07
CA GLU A 221 -15.24 -9.97 3.07
C GLU A 221 -15.16 -9.30 1.70
N VAL A 222 -14.48 -9.97 0.77
CA VAL A 222 -14.31 -9.44 -0.58
C VAL A 222 -14.56 -10.51 -1.63
N GLU A 223 -15.35 -10.16 -2.65
CA GLU A 223 -15.65 -11.10 -3.71
C GLU A 223 -14.44 -11.35 -4.61
N TYR A 224 -14.45 -12.48 -5.30
CA TYR A 224 -13.39 -12.83 -6.23
C TYR A 224 -14.00 -13.74 -7.30
N ASP A 225 -13.35 -13.84 -8.45
CA ASP A 225 -13.88 -14.64 -9.54
C ASP A 225 -13.62 -16.14 -9.45
N LYS A 226 -14.70 -16.90 -9.30
CA LYS A 226 -14.58 -18.35 -9.18
C LYS A 226 -14.50 -19.06 -10.53
N LYS A 227 -15.02 -18.44 -11.58
CA LYS A 227 -15.01 -19.06 -12.89
C LYS A 227 -13.61 -19.30 -13.44
N ILE A 228 -12.73 -18.31 -13.28
CA ILE A 228 -11.36 -18.48 -13.77
C ILE A 228 -10.66 -19.59 -13.00
N ILE A 229 -11.04 -19.78 -11.74
CA ILE A 229 -10.46 -20.85 -10.92
C ILE A 229 -11.00 -22.18 -11.42
N GLU A 230 -12.29 -22.20 -11.75
CA GLU A 230 -12.94 -23.40 -12.27
C GLU A 230 -12.24 -23.81 -13.57
N ASP A 231 -12.01 -22.83 -14.45
CA ASP A 231 -11.36 -23.08 -15.75
C ASP A 231 -9.95 -23.64 -15.56
N ARG A 232 -9.21 -23.08 -14.60
CA ARG A 232 -7.85 -23.53 -14.35
C ARG A 232 -7.84 -24.96 -13.84
N ILE A 233 -8.77 -25.29 -12.95
CA ILE A 233 -8.87 -26.63 -12.41
C ILE A 233 -9.07 -27.61 -13.56
N LYS A 234 -9.97 -27.25 -14.46
CA LYS A 234 -10.28 -28.08 -15.63
C LYS A 234 -9.09 -28.23 -16.56
N LEU A 235 -8.46 -27.11 -16.90
CA LEU A 235 -7.30 -27.14 -17.76
C LEU A 235 -6.16 -27.97 -17.17
N GLU A 236 -6.01 -27.93 -15.85
CA GLU A 236 -4.95 -28.67 -15.19
C GLU A 236 -5.30 -30.15 -14.91
N LYS A 237 -6.53 -30.54 -15.25
CA LYS A 237 -6.98 -31.91 -15.08
C LYS A 237 -7.22 -32.36 -13.63
N LEU A 238 -7.43 -31.41 -12.73
CA LEU A 238 -7.66 -31.74 -11.32
C LEU A 238 -9.09 -32.25 -11.09
N PRO A 239 -9.31 -33.01 -10.01
CA PRO A 239 -10.62 -33.58 -9.66
C PRO A 239 -11.80 -32.62 -9.62
N GLU A 240 -12.96 -33.11 -10.08
CA GLU A 240 -14.21 -32.34 -10.10
C GLU A 240 -14.56 -31.93 -8.68
N GLU A 241 -14.12 -32.73 -7.72
CA GLU A 241 -14.38 -32.47 -6.32
C GLU A 241 -13.83 -31.10 -5.94
N VAL A 242 -12.73 -30.71 -6.58
CA VAL A 242 -12.13 -29.41 -6.29
C VAL A 242 -13.06 -28.30 -6.71
N ILE A 243 -13.82 -28.52 -7.79
CA ILE A 243 -14.77 -27.52 -8.28
C ILE A 243 -15.97 -27.50 -7.33
N LYS A 244 -16.37 -28.67 -6.86
CA LYS A 244 -17.49 -28.79 -5.93
C LYS A 244 -17.15 -28.05 -4.63
N ILE A 245 -15.90 -28.16 -4.20
CA ILE A 245 -15.47 -27.48 -3.00
C ILE A 245 -15.52 -25.96 -3.22
N LEU A 246 -15.09 -25.54 -4.41
CA LEU A 246 -15.07 -24.14 -4.79
C LEU A 246 -16.43 -23.48 -4.61
N TYR A 247 -17.48 -24.15 -5.06
CA TYR A 247 -18.84 -23.61 -4.99
C TYR A 247 -19.70 -24.06 -3.81
N HIS A 248 -19.37 -25.17 -3.17
CA HIS A 248 -20.22 -25.62 -2.06
C HIS A 248 -19.45 -25.79 -0.74
N GLY A 249 -18.15 -25.57 -0.76
CA GLY A 249 -17.37 -25.68 0.45
C GLY A 249 -16.90 -27.09 0.74
N GLY A 250 -15.97 -27.20 1.68
CA GLY A 250 -15.45 -28.50 2.06
C GLY A 250 -14.60 -28.33 3.30
N LYS A 251 -14.22 -29.41 3.96
CA LYS A 251 -13.37 -29.29 5.14
C LYS A 251 -11.94 -29.67 4.86
N ALA A 252 -11.04 -29.18 5.70
CA ALA A 252 -9.62 -29.43 5.57
C ALA A 252 -9.30 -30.87 5.93
N MET B 1 30.17 -18.25 36.80
CA MET B 1 29.33 -17.44 35.86
C MET B 1 27.83 -17.67 36.10
N VAL B 2 26.97 -17.23 35.19
CA VAL B 2 25.51 -17.39 35.36
C VAL B 2 24.89 -18.47 34.46
N TYR B 3 24.00 -19.29 35.01
CA TYR B 3 23.37 -20.37 34.24
C TYR B 3 21.85 -20.46 34.39
N VAL B 4 21.22 -21.13 33.43
CA VAL B 4 19.78 -21.39 33.48
C VAL B 4 19.69 -22.89 33.66
N ALA B 5 19.00 -23.35 34.69
CA ALA B 5 18.86 -24.78 34.92
C ALA B 5 17.70 -25.32 34.11
N VAL B 6 17.91 -26.41 33.38
CA VAL B 6 16.85 -26.99 32.57
C VAL B 6 16.60 -28.42 33.00
N LEU B 7 15.39 -28.69 33.47
CA LEU B 7 15.00 -30.02 33.91
C LEU B 7 13.85 -30.53 33.06
N ALA B 8 13.73 -31.85 32.96
CA ALA B 8 12.65 -32.44 32.18
C ALA B 8 12.31 -33.86 32.64
N ASN B 9 11.05 -34.24 32.44
CA ASN B 9 10.55 -35.56 32.78
C ASN B 9 10.71 -36.02 34.23
N ILE B 10 10.12 -35.27 35.15
CA ILE B 10 10.16 -35.63 36.57
C ILE B 10 9.24 -36.86 36.68
N ALA B 11 8.14 -36.83 35.94
CA ALA B 11 7.20 -37.94 35.89
C ALA B 11 6.65 -38.44 37.22
N GLY B 12 6.57 -37.57 38.22
CA GLY B 12 6.04 -37.99 39.52
C GLY B 12 7.06 -38.60 40.47
N ASN B 13 8.33 -38.57 40.05
CA ASN B 13 9.43 -39.11 40.83
C ASN B 13 10.00 -38.01 41.75
N PHE B 14 9.42 -37.89 42.95
CA PHE B 14 9.87 -36.89 43.91
C PHE B 14 11.32 -37.06 44.36
N PRO B 15 11.71 -38.29 44.74
CA PRO B 15 13.10 -38.53 45.18
C PRO B 15 14.14 -38.10 44.16
N ALA B 16 13.87 -38.34 42.88
CA ALA B 16 14.78 -37.96 41.81
C ALA B 16 14.85 -36.44 41.73
N LEU B 17 13.69 -35.80 41.77
CA LEU B 17 13.60 -34.35 41.71
C LEU B 17 14.35 -33.71 42.89
N THR B 18 14.13 -34.25 44.09
CA THR B 18 14.77 -33.73 45.29
C THR B 18 16.28 -33.81 45.17
N ALA B 19 16.78 -34.93 44.67
CA ALA B 19 18.21 -35.13 44.49
C ALA B 19 18.79 -34.12 43.52
N ALA B 20 18.07 -33.86 42.43
CA ALA B 20 18.51 -32.89 41.43
C ALA B 20 18.56 -31.49 42.03
N LEU B 21 17.49 -31.09 42.72
CA LEU B 21 17.42 -29.76 43.30
C LEU B 21 18.50 -29.55 44.35
N GLU B 22 18.75 -30.58 45.16
CA GLU B 22 19.78 -30.48 46.18
C GLU B 22 21.16 -30.36 45.57
N LYS B 23 21.37 -30.98 44.41
CA LYS B 23 22.64 -30.90 43.73
C LYS B 23 22.80 -29.47 43.23
N ILE B 24 21.70 -28.90 42.75
CA ILE B 24 21.73 -27.52 42.27
C ILE B 24 22.14 -26.58 43.39
N GLU B 25 21.58 -26.80 44.58
CA GLU B 25 21.89 -25.97 45.74
C GLU B 25 23.38 -26.10 46.10
N GLU B 26 23.92 -27.29 45.92
CA GLU B 26 25.33 -27.50 46.22
C GLU B 26 26.21 -26.78 45.20
N LEU B 27 25.83 -26.86 43.93
CA LEU B 27 26.60 -26.18 42.88
C LEU B 27 26.60 -24.67 43.09
N LYS B 28 25.50 -24.15 43.63
CA LYS B 28 25.38 -22.72 43.90
C LYS B 28 26.42 -22.37 44.97
N GLU B 29 26.56 -23.24 45.97
CA GLU B 29 27.51 -23.05 47.03
C GLU B 29 28.94 -23.12 46.47
N GLU B 30 29.06 -23.70 45.28
CA GLU B 30 30.36 -23.83 44.63
C GLU B 30 30.59 -22.72 43.59
N GLY B 31 29.75 -21.70 43.63
CA GLY B 31 29.91 -20.59 42.71
C GLY B 31 29.04 -20.56 41.47
N TYR B 32 28.16 -21.53 41.29
CA TYR B 32 27.29 -21.53 40.12
C TYR B 32 26.11 -20.61 40.39
N GLU B 33 25.97 -19.56 39.58
CA GLU B 33 24.88 -18.63 39.75
C GLU B 33 23.69 -19.09 38.89
N ILE B 34 22.58 -19.43 39.53
CA ILE B 34 21.40 -19.90 38.80
C ILE B 34 20.33 -18.82 38.66
N GLU B 35 20.26 -18.25 37.46
CA GLU B 35 19.30 -17.19 37.19
C GLU B 35 17.83 -17.61 37.14
N LYS B 36 17.57 -18.78 36.58
CA LYS B 36 16.19 -19.25 36.49
C LYS B 36 16.13 -20.72 36.16
N TYR B 37 14.93 -21.27 36.22
CA TYR B 37 14.73 -22.69 35.95
C TYR B 37 13.69 -22.87 34.86
N TYR B 38 13.93 -23.86 34.01
CA TYR B 38 12.98 -24.24 32.98
C TYR B 38 12.68 -25.69 33.35
N ILE B 39 11.42 -26.01 33.58
CA ILE B 39 11.05 -27.37 33.94
C ILE B 39 10.08 -27.92 32.91
N LEU B 40 10.60 -28.77 32.04
CA LEU B 40 9.77 -29.31 30.97
C LEU B 40 9.16 -30.60 31.43
N GLY B 41 8.06 -30.95 30.76
CA GLY B 41 7.28 -32.09 31.24
C GLY B 41 7.92 -33.46 30.92
N ASN B 42 7.38 -34.66 31.34
CA ASN B 42 6.19 -34.87 32.16
C ASN B 42 6.42 -34.51 33.63
N ILE B 43 5.51 -33.68 34.17
CA ILE B 43 5.62 -33.35 35.59
C ILE B 43 5.21 -34.52 36.49
N VAL B 44 4.04 -35.10 36.23
CA VAL B 44 3.48 -36.20 37.03
C VAL B 44 3.02 -37.29 36.08
N GLY B 45 2.48 -38.38 36.61
CA GLY B 45 1.98 -39.42 35.72
C GLY B 45 2.40 -40.86 35.88
N LEU B 46 3.67 -41.12 36.20
CA LEU B 46 4.13 -42.49 36.32
C LEU B 46 4.40 -42.91 37.76
N PHE B 47 5.29 -42.21 38.43
CA PHE B 47 5.62 -42.55 39.81
C PHE B 47 4.64 -41.90 40.80
N PRO B 48 4.39 -42.58 41.94
CA PRO B 48 3.48 -42.19 43.01
C PRO B 48 3.63 -40.93 43.85
N TYR B 49 4.38 -39.93 43.39
CA TYR B 49 4.57 -38.71 44.18
C TYR B 49 4.08 -37.44 43.48
N PRO B 50 2.89 -37.49 42.86
CA PRO B 50 2.39 -36.29 42.16
C PRO B 50 2.24 -35.05 43.03
N ARG B 51 1.59 -35.18 44.17
CA ARG B 51 1.39 -34.02 45.03
C ARG B 51 2.69 -33.45 45.55
N GLU B 52 3.64 -34.31 45.91
CA GLU B 52 4.91 -33.84 46.44
C GLU B 52 5.76 -33.16 45.35
N VAL B 53 5.64 -33.63 44.12
CA VAL B 53 6.39 -33.04 43.01
C VAL B 53 5.90 -31.60 42.79
N ILE B 54 4.58 -31.44 42.71
CA ILE B 54 4.00 -30.11 42.49
C ILE B 54 4.32 -29.15 43.64
N GLU B 55 4.26 -29.64 44.88
CA GLU B 55 4.55 -28.80 46.03
C GLU B 55 5.99 -28.32 46.00
N ALA B 56 6.91 -29.21 45.60
CA ALA B 56 8.31 -28.84 45.53
C ALA B 56 8.56 -27.76 44.49
N ILE B 57 7.88 -27.87 43.34
CA ILE B 57 8.03 -26.87 42.29
C ILE B 57 7.45 -25.53 42.76
N LYS B 58 6.22 -25.57 43.28
CA LYS B 58 5.53 -24.38 43.77
C LYS B 58 6.40 -23.62 44.78
N ASN B 59 6.99 -24.34 45.72
CA ASN B 59 7.83 -23.68 46.72
C ASN B 59 9.06 -23.10 46.04
N LEU B 60 9.59 -23.80 45.04
CA LEU B 60 10.75 -23.31 44.31
C LEU B 60 10.38 -22.01 43.59
N ALA B 61 9.20 -21.99 42.97
CA ALA B 61 8.70 -20.83 42.24
C ALA B 61 8.55 -19.61 43.13
N LYS B 62 8.42 -19.83 44.43
CA LYS B 62 8.26 -18.74 45.41
C LYS B 62 9.54 -17.94 45.55
N THR B 63 10.66 -18.64 45.55
CA THR B 63 11.96 -18.03 45.76
C THR B 63 12.84 -17.85 44.52
N SER B 64 12.52 -18.53 43.43
CA SER B 64 13.31 -18.42 42.21
C SER B 64 12.43 -18.27 40.97
N ASN B 65 13.03 -17.84 39.86
CA ASN B 65 12.29 -17.66 38.61
C ASN B 65 12.12 -19.04 37.96
N VAL B 66 10.90 -19.55 38.00
CA VAL B 66 10.63 -20.89 37.45
C VAL B 66 9.50 -20.95 36.42
N LYS B 67 9.84 -21.41 35.22
CA LYS B 67 8.87 -21.56 34.14
C LYS B 67 8.69 -23.06 33.88
N VAL B 68 7.44 -23.51 33.91
CA VAL B 68 7.11 -24.92 33.72
C VAL B 68 6.17 -25.16 32.55
N ILE B 69 6.38 -26.24 31.81
CA ILE B 69 5.46 -26.56 30.72
C ILE B 69 5.04 -28.02 30.87
N ARG B 70 3.80 -28.32 30.48
CA ARG B 70 3.27 -29.65 30.61
C ARG B 70 3.75 -30.66 29.57
N GLY B 71 3.70 -31.92 29.96
CA GLY B 71 4.08 -33.00 29.06
C GLY B 71 2.87 -33.84 28.72
N LYS B 72 3.09 -34.89 27.93
CA LYS B 72 2.03 -35.80 27.50
C LYS B 72 1.14 -36.33 28.63
N TYR B 73 1.77 -36.84 29.69
CA TYR B 73 1.03 -37.39 30.81
C TYR B 73 0.21 -36.33 31.52
N ASP B 74 0.81 -35.15 31.68
CA ASP B 74 0.12 -34.05 32.34
C ASP B 74 -1.12 -33.66 31.54
N GLN B 75 -0.98 -33.65 30.22
CA GLN B 75 -2.09 -33.30 29.34
C GLN B 75 -3.23 -34.31 29.44
N LEU B 76 -2.89 -35.59 29.49
CA LEU B 76 -3.90 -36.64 29.58
C LEU B 76 -4.77 -36.49 30.83
N ILE B 77 -4.25 -35.81 31.82
CA ILE B 77 -4.96 -35.56 33.06
C ILE B 77 -5.70 -34.24 32.98
N ALA B 78 -5.00 -33.21 32.52
CA ALA B 78 -5.58 -31.88 32.39
C ALA B 78 -6.78 -31.78 31.44
N MET B 79 -6.79 -32.61 30.40
CA MET B 79 -7.87 -32.58 29.41
C MET B 79 -9.20 -33.12 29.93
N SER B 80 -9.17 -33.75 31.09
CA SER B 80 -10.38 -34.32 31.67
C SER B 80 -11.38 -33.26 32.11
N ASP B 81 -12.65 -33.66 32.15
CA ASP B 81 -13.73 -32.77 32.56
C ASP B 81 -13.43 -32.28 33.98
N PRO B 82 -13.43 -30.96 34.19
CA PRO B 82 -13.15 -30.40 35.51
C PRO B 82 -14.02 -30.96 36.65
N HIS B 83 -15.22 -31.45 36.35
CA HIS B 83 -16.05 -32.04 37.41
C HIS B 83 -16.35 -33.51 37.20
N ALA B 84 -15.43 -34.25 36.59
CA ALA B 84 -15.66 -35.67 36.41
C ALA B 84 -15.54 -36.26 37.81
N GLY B 85 -16.29 -37.34 38.10
CA GLY B 85 -16.23 -37.94 39.42
C GLY B 85 -15.15 -38.99 39.60
N ASP B 86 -14.57 -39.43 38.51
CA ASP B 86 -13.53 -40.45 38.55
C ASP B 86 -12.68 -40.30 37.29
N PRO B 87 -11.56 -41.03 37.24
CA PRO B 87 -10.67 -40.96 36.07
C PRO B 87 -10.96 -42.10 35.09
N LYS B 88 -12.20 -42.58 35.07
CA LYS B 88 -12.58 -43.68 34.19
C LYS B 88 -12.37 -43.48 32.69
N TYR B 89 -12.38 -42.22 32.23
CA TYR B 89 -12.18 -41.97 30.80
C TYR B 89 -10.85 -42.55 30.31
N ILE B 90 -9.87 -42.60 31.21
CA ILE B 90 -8.54 -43.11 30.89
C ILE B 90 -8.50 -44.56 30.40
N ASP B 91 -9.45 -45.37 30.86
CA ASP B 91 -9.48 -46.78 30.45
C ASP B 91 -9.74 -46.94 28.97
N LYS B 92 -10.38 -45.94 28.37
CA LYS B 92 -10.70 -45.97 26.95
C LYS B 92 -9.64 -45.31 26.10
N LEU B 93 -8.55 -44.88 26.73
CA LEU B 93 -7.49 -44.25 25.98
C LEU B 93 -6.58 -45.35 25.48
N GLU B 94 -6.01 -45.15 24.29
CA GLU B 94 -5.13 -46.14 23.69
C GLU B 94 -3.70 -46.06 24.22
N ILE B 95 -3.55 -46.34 25.51
CA ILE B 95 -2.28 -46.32 26.23
C ILE B 95 -2.07 -47.64 26.96
N PRO B 96 -0.81 -48.00 27.27
CA PRO B 96 -0.59 -49.27 27.99
C PRO B 96 -1.36 -49.37 29.31
N ASP B 97 -1.61 -50.60 29.73
CA ASP B 97 -2.32 -50.86 30.98
C ASP B 97 -1.74 -50.16 32.21
N HIS B 98 -0.43 -50.29 32.41
CA HIS B 98 0.20 -49.69 33.57
C HIS B 98 -0.01 -48.18 33.62
N LEU B 99 -0.03 -47.53 32.46
CA LEU B 99 -0.20 -46.09 32.42
C LEU B 99 -1.62 -45.70 32.82
N LYS B 100 -2.59 -46.54 32.48
CA LYS B 100 -3.98 -46.25 32.87
C LYS B 100 -4.01 -46.21 34.39
N ALA B 101 -3.40 -47.21 35.01
CA ALA B 101 -3.37 -47.31 36.46
C ALA B 101 -2.68 -46.11 37.12
N THR B 102 -1.48 -45.77 36.66
CA THR B 102 -0.78 -44.65 37.27
C THR B 102 -1.45 -43.31 37.00
N LEU B 103 -2.03 -43.13 35.82
CA LEU B 103 -2.70 -41.87 35.51
C LEU B 103 -3.95 -41.72 36.37
N LYS B 104 -4.73 -42.79 36.50
CA LYS B 104 -5.93 -42.74 37.32
C LYS B 104 -5.52 -42.47 38.76
N TYR B 105 -4.45 -43.13 39.20
CA TYR B 105 -3.94 -42.91 40.55
C TYR B 105 -3.58 -41.43 40.70
N THR B 106 -2.82 -40.93 39.72
CA THR B 106 -2.39 -39.55 39.72
C THR B 106 -3.58 -38.59 39.71
N TRP B 107 -4.57 -38.90 38.86
CA TRP B 107 -5.75 -38.06 38.75
C TRP B 107 -6.45 -37.86 40.11
N GLU B 108 -6.74 -38.97 40.78
CA GLU B 108 -7.43 -38.88 42.07
C GLU B 108 -6.56 -38.33 43.19
N LYS B 109 -5.29 -38.71 43.20
CA LYS B 109 -4.37 -38.24 44.23
C LYS B 109 -4.14 -36.74 44.15
N LEU B 110 -4.21 -36.20 42.93
CA LEU B 110 -4.01 -34.77 42.70
C LEU B 110 -5.10 -33.91 43.32
N GLY B 111 -6.33 -34.41 43.30
CA GLY B 111 -7.42 -33.62 43.84
C GLY B 111 -7.73 -32.53 42.84
N HIS B 112 -8.87 -31.87 43.00
CA HIS B 112 -9.25 -30.81 42.09
C HIS B 112 -8.15 -29.74 41.97
N GLU B 113 -7.58 -29.38 43.10
CA GLU B 113 -6.54 -28.37 43.15
C GLU B 113 -5.30 -28.78 42.37
N GLY B 114 -4.98 -30.08 42.43
CA GLY B 114 -3.82 -30.60 41.74
C GLY B 114 -4.04 -30.62 40.23
N ARG B 115 -5.22 -31.08 39.82
CA ARG B 115 -5.55 -31.16 38.40
C ARG B 115 -5.65 -29.77 37.80
N GLU B 116 -6.19 -28.82 38.57
CA GLU B 116 -6.31 -27.46 38.09
C GLU B 116 -4.92 -26.86 37.88
N TYR B 117 -3.97 -27.30 38.70
CA TYR B 117 -2.61 -26.82 38.57
C TYR B 117 -2.02 -27.24 37.22
N LEU B 118 -2.28 -28.49 36.82
CA LEU B 118 -1.79 -28.98 35.53
C LEU B 118 -2.49 -28.22 34.40
N ARG B 119 -3.76 -27.91 34.60
CA ARG B 119 -4.53 -27.19 33.58
C ARG B 119 -4.02 -25.77 33.34
N ASP B 120 -3.31 -25.21 34.32
CA ASP B 120 -2.76 -23.87 34.18
C ASP B 120 -1.36 -23.89 33.55
N LEU B 121 -0.79 -25.07 33.38
CA LEU B 121 0.54 -25.18 32.80
C LEU B 121 0.57 -24.84 31.32
N PRO B 122 1.49 -23.95 30.91
CA PRO B 122 1.57 -23.60 29.49
C PRO B 122 2.05 -24.83 28.70
N ILE B 123 1.85 -24.80 27.40
CA ILE B 123 2.31 -25.89 26.54
C ILE B 123 3.66 -25.53 25.95
N TYR B 124 3.81 -24.25 25.59
CA TYR B 124 5.04 -23.77 24.99
C TYR B 124 5.86 -22.85 25.87
N LEU B 125 7.18 -22.98 25.74
CA LEU B 125 8.12 -22.16 26.47
C LEU B 125 8.73 -21.19 25.46
N VAL B 126 8.59 -19.90 25.70
CA VAL B 126 9.14 -18.90 24.82
C VAL B 126 9.81 -17.92 25.76
N ASP B 127 11.13 -17.85 25.69
CA ASP B 127 11.86 -16.99 26.60
C ASP B 127 13.21 -16.65 25.97
N LYS B 128 14.00 -15.84 26.67
CA LYS B 128 15.33 -15.49 26.18
C LYS B 128 16.30 -15.98 27.25
N ILE B 129 17.44 -16.49 26.82
CA ILE B 129 18.47 -16.93 27.75
C ILE B 129 19.56 -15.98 27.33
N GLY B 130 19.53 -14.78 27.89
CA GLY B 130 20.49 -13.75 27.55
C GLY B 130 19.88 -12.98 26.40
N LYS B 131 20.64 -12.79 25.33
CA LYS B 131 20.13 -12.10 24.17
C LYS B 131 19.61 -13.13 23.19
N ASN B 132 19.69 -14.40 23.61
CA ASN B 132 19.26 -15.53 22.77
C ASN B 132 17.83 -16.00 23.01
N GLU B 133 17.02 -15.94 21.96
CA GLU B 133 15.63 -16.39 22.04
C GLU B 133 15.60 -17.91 22.07
N ILE B 134 14.75 -18.50 22.91
CA ILE B 134 14.64 -19.94 22.99
C ILE B 134 13.19 -20.39 22.94
N PHE B 135 12.98 -21.61 22.46
CA PHE B 135 11.65 -22.19 22.37
C PHE B 135 11.72 -23.58 22.99
N GLY B 136 10.68 -23.96 23.72
CA GLY B 136 10.66 -25.27 24.35
C GLY B 136 9.31 -25.96 24.26
N VAL B 137 9.34 -27.28 24.09
CA VAL B 137 8.10 -28.05 24.00
C VAL B 137 8.44 -29.50 24.41
N TYR B 138 7.45 -30.21 24.92
CA TYR B 138 7.69 -31.58 25.39
C TYR B 138 8.14 -32.58 24.34
N GLY B 139 7.32 -32.77 23.30
CA GLY B 139 7.65 -33.76 22.28
C GLY B 139 8.48 -33.24 21.13
N SER B 140 7.85 -32.52 20.20
CA SER B 140 8.55 -31.94 19.05
C SER B 140 7.74 -30.75 18.54
N PRO B 141 8.39 -29.83 17.82
CA PRO B 141 7.71 -28.66 17.29
C PRO B 141 6.52 -29.09 16.41
N VAL B 142 6.70 -30.21 15.72
CA VAL B 142 5.65 -30.71 14.84
C VAL B 142 4.46 -31.32 15.59
N ASN B 143 4.74 -31.97 16.72
CA ASN B 143 3.69 -32.56 17.54
C ASN B 143 4.11 -32.46 18.99
N PRO B 144 3.66 -31.40 19.68
CA PRO B 144 3.97 -31.12 21.09
C PRO B 144 3.88 -32.29 22.07
N PHE B 145 2.81 -33.07 22.00
CA PHE B 145 2.65 -34.18 22.95
C PHE B 145 3.01 -35.58 22.44
N ASP B 146 2.75 -35.86 21.18
CA ASP B 146 3.05 -37.19 20.64
C ASP B 146 4.36 -37.23 19.85
N GLY B 147 4.90 -36.07 19.52
CA GLY B 147 6.15 -36.02 18.77
C GLY B 147 7.33 -36.54 19.55
N GLU B 148 8.20 -37.29 18.88
CA GLU B 148 9.38 -37.83 19.55
C GLU B 148 10.68 -37.57 18.79
N ILE B 149 11.62 -36.92 19.46
CA ILE B 149 12.91 -36.62 18.84
C ILE B 149 13.94 -37.60 19.39
N LEU B 150 14.58 -38.34 18.49
CA LEU B 150 15.55 -39.35 18.88
C LEU B 150 16.95 -38.79 19.17
N PRO B 151 17.69 -39.45 20.06
CA PRO B 151 19.04 -38.99 20.36
C PRO B 151 19.98 -39.78 19.46
N ASP B 152 21.25 -39.41 19.44
CA ASP B 152 22.24 -40.14 18.66
C ASP B 152 22.04 -40.15 17.15
N GLN B 153 21.36 -39.15 16.60
CA GLN B 153 21.14 -39.10 15.15
C GLN B 153 22.14 -38.16 14.45
N PRO B 154 22.28 -38.28 13.12
CA PRO B 154 23.19 -37.42 12.37
C PRO B 154 22.71 -35.98 12.43
N THR B 155 23.61 -35.03 12.22
CA THR B 155 23.23 -33.62 12.27
C THR B 155 22.06 -33.27 11.34
N SER B 156 22.00 -33.92 10.18
CA SER B 156 20.93 -33.65 9.22
C SER B 156 19.54 -33.91 9.81
N TYR B 157 19.46 -34.87 10.73
CA TYR B 157 18.21 -35.20 11.39
C TYR B 157 17.73 -34.03 12.25
N TYR B 158 18.63 -33.47 13.04
CA TYR B 158 18.29 -32.35 13.91
C TYR B 158 18.10 -31.06 13.13
N GLU B 159 18.82 -30.93 12.03
CA GLU B 159 18.72 -29.74 11.20
C GLU B 159 17.30 -29.60 10.65
N ALA B 160 16.74 -30.69 10.15
CA ALA B 160 15.39 -30.69 9.60
C ALA B 160 14.36 -30.37 10.68
N ILE B 161 14.64 -30.75 11.91
CA ILE B 161 13.74 -30.50 13.03
C ILE B 161 13.83 -29.06 13.52
N MET B 162 15.02 -28.45 13.41
CA MET B 162 15.22 -27.08 13.86
C MET B 162 14.70 -26.04 12.87
N ARG B 163 14.74 -26.38 11.59
CA ARG B 163 14.32 -25.46 10.54
C ARG B 163 13.00 -24.71 10.78
N PRO B 164 11.94 -25.43 11.19
CA PRO B 164 10.64 -24.78 11.45
C PRO B 164 10.64 -23.85 12.66
N VAL B 165 11.71 -23.88 13.43
CA VAL B 165 11.83 -23.00 14.59
C VAL B 165 13.18 -22.29 14.54
N LYS B 166 13.69 -22.09 13.32
CA LYS B 166 14.98 -21.46 13.12
C LYS B 166 15.04 -20.01 13.60
N GLU B 167 13.93 -19.41 13.96
CA GLU B 167 14.02 -18.05 14.45
C GLU B 167 14.65 -18.05 15.84
N TYR B 168 14.70 -19.21 16.49
CA TYR B 168 15.26 -19.32 17.84
C TYR B 168 16.67 -19.87 17.87
N GLU B 169 17.46 -19.48 18.87
CA GLU B 169 18.84 -19.96 18.99
C GLU B 169 18.93 -21.39 19.51
N MET B 170 17.96 -21.77 20.34
CA MET B 170 17.94 -23.09 20.93
C MET B 170 16.53 -23.63 21.11
N LEU B 171 16.36 -24.90 20.77
CA LEU B 171 15.09 -25.60 20.93
C LEU B 171 15.28 -26.59 22.08
N LEU B 172 14.44 -26.49 23.10
CA LEU B 172 14.54 -27.39 24.24
C LEU B 172 13.40 -28.39 24.19
N VAL B 173 13.74 -29.68 24.23
CA VAL B 173 12.72 -30.74 24.19
C VAL B 173 12.99 -31.79 25.24
N ALA B 174 11.96 -32.55 25.60
CA ALA B 174 12.10 -33.58 26.60
C ALA B 174 12.10 -34.99 26.01
N SER B 175 11.45 -35.17 24.87
CA SER B 175 11.33 -36.49 24.26
C SER B 175 12.59 -37.34 24.07
N PRO B 176 13.75 -36.72 23.81
CA PRO B 176 14.96 -37.56 23.65
C PRO B 176 15.29 -38.35 24.91
N ARG B 177 14.91 -37.80 26.06
CA ARG B 177 15.15 -38.41 27.36
C ARG B 177 16.59 -38.75 27.70
N TYR B 178 17.51 -38.24 26.90
CA TYR B 178 18.93 -38.43 27.11
C TYR B 178 19.56 -37.07 26.81
N PRO B 179 20.71 -36.78 27.41
CA PRO B 179 21.36 -35.49 27.15
C PRO B 179 21.59 -35.35 25.64
N LEU B 180 21.19 -34.21 25.08
CA LEU B 180 21.37 -33.94 23.66
C LEU B 180 21.76 -32.49 23.50
N ASP B 181 22.76 -32.24 22.65
CA ASP B 181 23.22 -30.88 22.38
C ASP B 181 23.72 -30.89 20.94
N ALA B 182 22.78 -30.78 20.01
CA ALA B 182 23.12 -30.80 18.58
C ALA B 182 23.06 -29.42 17.94
N MET B 183 24.19 -28.98 17.39
CA MET B 183 24.23 -27.69 16.73
C MET B 183 23.90 -27.87 15.25
N THR B 184 23.07 -27.00 14.71
CA THR B 184 22.70 -27.06 13.30
C THR B 184 22.79 -25.64 12.77
N MET B 185 22.70 -25.49 11.45
CA MET B 185 22.78 -24.17 10.85
C MET B 185 21.58 -23.30 11.25
N TYR B 186 20.55 -23.93 11.80
CA TYR B 186 19.37 -23.18 12.23
C TYR B 186 19.29 -23.03 13.73
N GLY B 187 20.29 -23.49 14.47
CA GLY B 187 20.23 -23.37 15.91
C GLY B 187 20.48 -24.69 16.60
N ARG B 188 20.50 -24.69 17.92
CA ARG B 188 20.78 -25.92 18.67
C ARG B 188 19.55 -26.64 19.22
N VAL B 189 19.56 -27.97 19.09
CA VAL B 189 18.48 -28.79 19.61
C VAL B 189 19.00 -29.41 20.90
N VAL B 190 18.35 -29.10 22.02
CA VAL B 190 18.81 -29.59 23.31
C VAL B 190 17.79 -30.30 24.18
N CYS B 191 18.25 -31.36 24.83
CA CYS B 191 17.45 -32.13 25.77
C CYS B 191 18.32 -32.23 27.03
N PRO B 192 17.78 -31.81 28.18
CA PRO B 192 18.54 -31.84 29.44
C PRO B 192 18.72 -33.25 30.03
N GLY B 193 18.02 -34.23 29.47
CA GLY B 193 18.08 -35.58 29.97
C GLY B 193 16.77 -35.85 30.69
N SER B 194 16.69 -36.93 31.44
CA SER B 194 15.48 -37.26 32.17
C SER B 194 15.71 -37.19 33.68
N ILE B 195 14.87 -36.45 34.39
CA ILE B 195 15.01 -36.32 35.82
C ILE B 195 14.56 -37.57 36.57
N GLY B 196 13.34 -38.03 36.30
CA GLY B 196 12.85 -39.20 37.02
C GLY B 196 12.19 -40.30 36.23
N PHE B 197 12.32 -40.26 34.91
CA PHE B 197 11.72 -41.29 34.07
C PHE B 197 12.88 -42.03 33.41
N PRO B 198 13.33 -43.13 34.02
CA PRO B 198 14.43 -43.94 33.51
C PRO B 198 14.24 -44.42 32.08
N PRO B 199 15.20 -44.13 31.21
CA PRO B 199 15.14 -44.56 29.81
C PRO B 199 15.78 -45.96 29.70
N ALA B 200 16.60 -46.29 30.71
CA ALA B 200 17.29 -47.58 30.76
C ALA B 200 17.67 -47.93 32.21
N ARG B 201 18.62 -48.85 32.36
CA ARG B 201 19.09 -49.29 33.67
C ARG B 201 19.98 -48.26 34.35
N GLU B 202 20.19 -48.43 35.66
CA GLU B 202 21.06 -47.55 36.43
C GLU B 202 20.81 -46.07 36.14
N HIS B 203 19.55 -45.67 36.05
CA HIS B 203 19.25 -44.27 35.76
C HIS B 203 19.60 -43.32 36.88
N LYS B 204 20.17 -42.18 36.50
CA LYS B 204 20.53 -41.14 37.44
C LYS B 204 19.78 -39.88 37.04
N ALA B 205 19.31 -39.13 38.04
CA ALA B 205 18.58 -37.89 37.78
C ALA B 205 19.50 -37.01 36.96
N THR B 206 19.06 -36.69 35.76
CA THR B 206 19.87 -35.90 34.83
C THR B 206 19.21 -34.58 34.41
N PHE B 207 20.01 -33.52 34.40
CA PHE B 207 19.53 -32.20 34.00
C PHE B 207 20.70 -31.43 33.40
N ALA B 208 20.42 -30.22 32.91
CA ALA B 208 21.46 -29.41 32.31
C ALA B 208 21.53 -27.99 32.84
N LEU B 209 22.71 -27.39 32.72
CA LEU B 209 22.95 -26.02 33.13
C LEU B 209 23.42 -25.33 31.86
N VAL B 210 22.69 -24.30 31.44
CA VAL B 210 23.04 -23.59 30.23
C VAL B 210 23.67 -22.24 30.55
N ASP B 211 24.85 -22.00 30.00
CA ASP B 211 25.56 -20.75 30.23
C ASP B 211 24.78 -19.58 29.63
N ALA B 212 24.28 -18.71 30.48
CA ALA B 212 23.48 -17.57 30.05
C ALA B 212 24.15 -16.60 29.08
N GLU B 213 25.45 -16.75 28.86
CA GLU B 213 26.17 -15.86 27.97
C GLU B 213 26.77 -16.53 26.74
N THR B 214 27.22 -17.77 26.89
CA THR B 214 27.84 -18.51 25.78
C THR B 214 26.94 -19.63 25.27
N LEU B 215 25.83 -19.85 25.96
CA LEU B 215 24.88 -20.91 25.61
C LEU B 215 25.50 -22.30 25.66
N LYS B 216 26.65 -22.44 26.30
CA LYS B 216 27.28 -23.75 26.41
C LYS B 216 26.51 -24.60 27.42
N VAL B 217 26.28 -25.86 27.08
CA VAL B 217 25.53 -26.77 27.93
C VAL B 217 26.39 -27.74 28.73
N LYS B 218 26.08 -27.84 30.01
CA LYS B 218 26.77 -28.75 30.91
C LYS B 218 25.72 -29.69 31.50
N PHE B 219 25.95 -30.99 31.35
CA PHE B 219 25.01 -31.97 31.87
C PHE B 219 25.45 -32.50 33.23
N ILE B 220 24.49 -32.65 34.12
CA ILE B 220 24.76 -33.13 35.47
C ILE B 220 23.96 -34.40 35.74
N GLU B 221 24.59 -35.33 36.46
CA GLU B 221 23.93 -36.58 36.82
C GLU B 221 24.01 -36.74 38.34
N VAL B 222 22.89 -37.12 38.94
CA VAL B 222 22.82 -37.29 40.38
C VAL B 222 22.10 -38.59 40.73
N GLU B 223 22.60 -39.27 41.76
CA GLU B 223 21.98 -40.51 42.20
C GLU B 223 20.85 -40.24 43.18
N TYR B 224 19.87 -41.13 43.20
CA TYR B 224 18.74 -41.02 44.11
C TYR B 224 18.36 -42.44 44.52
N ASP B 225 17.62 -42.56 45.62
CA ASP B 225 17.24 -43.88 46.13
C ASP B 225 16.00 -44.49 45.47
N LYS B 226 16.19 -45.58 44.74
CA LYS B 226 15.09 -46.25 44.06
C LYS B 226 14.25 -47.18 44.94
N LYS B 227 14.88 -47.75 45.97
CA LYS B 227 14.15 -48.65 46.85
C LYS B 227 12.93 -48.01 47.48
N ILE B 228 13.07 -46.78 47.98
CA ILE B 228 11.91 -46.13 48.59
C ILE B 228 10.80 -45.92 47.57
N ILE B 229 11.18 -45.77 46.30
CA ILE B 229 10.18 -45.58 45.23
C ILE B 229 9.50 -46.94 44.98
N GLU B 230 10.31 -47.99 44.96
CA GLU B 230 9.80 -49.34 44.75
C GLU B 230 8.79 -49.64 45.87
N ASP B 231 9.19 -49.37 47.09
CA ASP B 231 8.35 -49.60 48.26
C ASP B 231 7.05 -48.82 48.20
N ARG B 232 7.13 -47.59 47.73
CA ARG B 232 5.94 -46.75 47.63
C ARG B 232 5.01 -47.32 46.58
N ILE B 233 5.59 -47.80 45.47
CA ILE B 233 4.79 -48.38 44.40
C ILE B 233 3.97 -49.54 44.96
N LYS B 234 4.64 -50.40 45.71
CA LYS B 234 3.99 -51.56 46.31
C LYS B 234 2.91 -51.16 47.31
N LEU B 235 3.23 -50.22 48.19
CA LEU B 235 2.27 -49.76 49.19
C LEU B 235 1.00 -49.22 48.54
N GLU B 236 1.16 -48.55 47.39
CA GLU B 236 0.02 -47.96 46.68
C GLU B 236 -0.67 -48.97 45.75
N LYS B 237 -0.18 -50.21 45.73
CA LYS B 237 -0.74 -51.26 44.89
C LYS B 237 -0.72 -50.96 43.39
N LEU B 238 0.34 -50.30 42.93
CA LEU B 238 0.49 -49.98 41.53
C LEU B 238 1.17 -51.15 40.80
N PRO B 239 1.08 -51.17 39.46
CA PRO B 239 1.67 -52.22 38.60
C PRO B 239 3.12 -52.56 38.87
N GLU B 240 3.45 -53.85 38.80
CA GLU B 240 4.83 -54.29 39.02
C GLU B 240 5.62 -53.71 37.84
N GLU B 241 4.91 -53.45 36.75
CA GLU B 241 5.49 -52.90 35.53
C GLU B 241 6.19 -51.56 35.80
N VAL B 242 5.67 -50.80 36.76
CA VAL B 242 6.27 -49.51 37.10
C VAL B 242 7.63 -49.73 37.79
N ILE B 243 7.74 -50.80 38.56
CA ILE B 243 8.99 -51.12 39.25
C ILE B 243 10.01 -51.53 38.18
N LYS B 244 9.52 -52.22 37.17
CA LYS B 244 10.33 -52.68 36.05
C LYS B 244 10.93 -51.48 35.32
N ILE B 245 10.09 -50.50 35.03
CA ILE B 245 10.54 -49.28 34.35
C ILE B 245 11.56 -48.54 35.22
N LEU B 246 11.32 -48.54 36.53
CA LEU B 246 12.20 -47.89 37.49
C LEU B 246 13.65 -48.39 37.39
N TYR B 247 13.84 -49.70 37.31
CA TYR B 247 15.16 -50.31 37.25
C TYR B 247 15.69 -50.63 35.86
N HIS B 248 14.79 -50.77 34.89
CA HIS B 248 15.21 -51.13 33.53
C HIS B 248 14.82 -50.12 32.47
N GLY B 249 14.18 -49.05 32.89
CA GLY B 249 13.76 -48.05 31.92
C GLY B 249 12.49 -48.45 31.21
N GLY B 250 11.86 -47.48 30.57
CA GLY B 250 10.63 -47.73 29.84
C GLY B 250 10.50 -46.59 28.87
N LYS B 251 9.58 -46.70 27.92
CA LYS B 251 9.39 -45.64 26.95
C LYS B 251 8.14 -44.82 27.24
N ALA B 252 8.22 -43.53 26.93
CA ALA B 252 7.12 -42.60 27.16
C ALA B 252 5.85 -43.03 26.44
N MET C 1 -1.99 42.54 4.53
CA MET C 1 -2.79 42.73 3.29
C MET C 1 -4.21 42.16 3.42
N VAL C 2 -5.11 42.70 2.60
CA VAL C 2 -6.53 42.36 2.58
C VAL C 2 -6.97 41.36 1.50
N TYR C 3 -7.58 40.26 1.91
CA TYR C 3 -8.05 39.26 0.96
C TYR C 3 -9.53 39.01 1.10
N VAL C 4 -10.13 38.42 0.07
CA VAL C 4 -11.53 38.03 0.12
C VAL C 4 -11.46 36.51 0.12
N ALA C 5 -12.13 35.88 1.09
CA ALA C 5 -12.10 34.43 1.19
C ALA C 5 -13.21 33.84 0.31
N VAL C 6 -12.85 32.86 -0.51
CA VAL C 6 -13.82 32.21 -1.39
C VAL C 6 -13.88 30.72 -1.10
N LEU C 7 -15.08 30.24 -0.77
CA LEU C 7 -15.30 28.84 -0.47
C LEU C 7 -16.42 28.28 -1.35
N ALA C 8 -16.41 26.97 -1.58
CA ALA C 8 -17.45 26.35 -2.37
C ALA C 8 -17.62 24.86 -2.09
N ASN C 9 -18.82 24.35 -2.39
CA ASN C 9 -19.14 22.94 -2.20
C ASN C 9 -18.93 22.36 -0.81
N ILE C 10 -19.59 22.95 0.17
CA ILE C 10 -19.52 22.46 1.54
C ILE C 10 -20.30 21.14 1.51
N ALA C 11 -21.42 21.17 0.80
CA ALA C 11 -22.28 20.00 0.61
C ALA C 11 -22.69 19.24 1.87
N GLY C 12 -22.97 19.96 2.95
CA GLY C 12 -23.40 19.32 4.19
C GLY C 12 -22.29 18.77 5.07
N ASN C 13 -21.05 19.01 4.68
CA ASN C 13 -19.89 18.53 5.42
C ASN C 13 -19.42 19.55 6.47
N PHE C 14 -20.01 19.50 7.66
CA PHE C 14 -19.68 20.42 8.75
C PHE C 14 -18.22 20.37 9.20
N PRO C 15 -17.68 19.16 9.45
CA PRO C 15 -16.27 19.04 9.88
C PRO C 15 -15.31 19.79 8.95
N ALA C 16 -15.49 19.59 7.65
CA ALA C 16 -14.63 20.22 6.64
C ALA C 16 -14.77 21.74 6.72
N LEU C 17 -16.01 22.22 6.85
CA LEU C 17 -16.26 23.65 6.93
C LEU C 17 -15.61 24.25 8.17
N THR C 18 -15.76 23.57 9.30
CA THR C 18 -15.18 24.04 10.55
C THR C 18 -13.67 24.12 10.47
N ALA C 19 -13.05 23.14 9.82
CA ALA C 19 -11.61 23.11 9.68
C ALA C 19 -11.13 24.29 8.82
N ALA C 20 -11.88 24.58 7.75
CA ALA C 20 -11.53 25.68 6.87
C ALA C 20 -11.67 27.03 7.57
N LEU C 21 -12.75 27.21 8.31
CA LEU C 21 -12.98 28.47 9.02
C LEU C 21 -11.93 28.67 10.11
N GLU C 22 -11.56 27.60 10.78
CA GLU C 22 -10.55 27.69 11.83
C GLU C 22 -9.19 28.05 11.23
N LYS C 23 -8.91 27.54 10.03
CA LYS C 23 -7.63 27.85 9.36
C LYS C 23 -7.61 29.33 8.99
N ILE C 24 -8.77 29.85 8.62
CA ILE C 24 -8.89 31.25 8.25
C ILE C 24 -8.63 32.12 9.48
N GLU C 25 -9.20 31.74 10.62
CA GLU C 25 -9.00 32.49 11.87
C GLU C 25 -7.52 32.51 12.18
N GLU C 26 -6.87 31.41 11.83
CA GLU C 26 -5.44 31.22 12.05
C GLU C 26 -4.63 32.17 11.19
N LEU C 27 -4.96 32.24 9.91
CA LEU C 27 -4.22 33.11 8.99
C LEU C 27 -4.41 34.57 9.40
N LYS C 28 -5.56 34.89 10.00
CA LYS C 28 -5.80 36.26 10.43
C LYS C 28 -4.80 36.58 11.54
N GLU C 29 -4.57 35.59 12.40
CA GLU C 29 -3.62 35.76 13.51
C GLU C 29 -2.20 35.94 12.95
N GLU C 30 -1.99 35.48 11.72
CA GLU C 30 -0.67 35.59 11.11
C GLU C 30 -0.56 36.83 10.22
N GLY C 31 -1.54 37.72 10.33
CA GLY C 31 -1.49 38.95 9.54
C GLY C 31 -2.42 39.04 8.35
N TYR C 32 -3.09 37.95 8.01
CA TYR C 32 -4.01 37.97 6.87
C TYR C 32 -5.30 38.67 7.23
N GLU C 33 -5.59 39.76 6.53
CA GLU C 33 -6.81 40.51 6.77
C GLU C 33 -7.90 40.01 5.83
N ILE C 34 -9.03 39.60 6.39
CA ILE C 34 -10.11 39.10 5.56
C ILE C 34 -11.36 39.96 5.64
N GLU C 35 -11.52 40.80 4.62
CA GLU C 35 -12.62 41.74 4.49
C GLU C 35 -14.01 41.13 4.30
N LYS C 36 -14.09 40.01 3.58
CA LYS C 36 -15.36 39.37 3.33
C LYS C 36 -15.23 37.93 2.85
N TYR C 37 -16.35 37.21 2.83
CA TYR C 37 -16.41 35.83 2.41
C TYR C 37 -17.44 35.60 1.32
N TYR C 38 -17.06 34.82 0.30
CA TYR C 38 -17.97 34.45 -0.77
C TYR C 38 -18.11 32.94 -0.57
N ILE C 39 -19.33 32.47 -0.34
CA ILE C 39 -19.56 31.04 -0.14
C ILE C 39 -20.45 30.51 -1.25
N LEU C 40 -19.85 29.68 -2.09
CA LEU C 40 -20.61 29.12 -3.21
C LEU C 40 -21.15 27.73 -2.82
N GLY C 41 -22.26 27.35 -3.50
CA GLY C 41 -22.86 26.03 -3.21
C GLY C 41 -22.08 24.85 -3.86
N ASN C 42 -22.50 23.57 -3.63
CA ASN C 42 -23.61 23.21 -2.75
C ASN C 42 -23.30 23.51 -1.30
N ILE C 43 -24.30 24.09 -0.62
CA ILE C 43 -24.18 24.32 0.80
C ILE C 43 -24.48 23.03 1.60
N VAL C 44 -25.62 22.41 1.21
CA VAL C 44 -26.02 21.12 1.78
C VAL C 44 -26.34 20.11 0.68
N GLY C 45 -26.74 18.91 1.11
CA GLY C 45 -27.14 17.92 0.12
C GLY C 45 -26.60 16.50 0.14
N LEU C 46 -25.34 16.34 0.50
CA LEU C 46 -24.72 15.02 0.49
C LEU C 46 -24.35 14.48 1.87
N PHE C 47 -23.61 15.25 2.65
CA PHE C 47 -23.20 14.82 3.98
C PHE C 47 -24.25 15.23 5.02
N PRO C 48 -24.42 14.41 6.08
CA PRO C 48 -25.38 14.56 7.18
C PRO C 48 -25.35 15.74 8.15
N TYR C 49 -24.77 16.87 7.78
CA TYR C 49 -24.73 18.01 8.70
C TYR C 49 -25.38 19.26 8.13
N PRO C 50 -26.55 19.13 7.47
CA PRO C 50 -27.18 20.33 6.91
C PRO C 50 -27.43 21.46 7.91
N ARG C 51 -28.05 21.15 9.04
CA ARG C 51 -28.34 22.18 10.05
C ARG C 51 -27.07 22.82 10.60
N GLU C 52 -26.08 22.01 10.95
CA GLU C 52 -24.84 22.54 11.50
C GLU C 52 -24.14 23.46 10.50
N VAL C 53 -24.21 23.10 9.21
CA VAL C 53 -23.58 23.93 8.19
C VAL C 53 -24.20 25.33 8.11
N ILE C 54 -25.52 25.38 8.00
CA ILE C 54 -26.24 26.65 7.90
C ILE C 54 -26.04 27.51 9.16
N GLU C 55 -26.06 26.87 10.31
CA GLU C 55 -25.87 27.57 11.56
C GLU C 55 -24.51 28.26 11.59
N ALA C 56 -23.49 27.53 11.15
CA ALA C 56 -22.14 28.05 11.10
C ALA C 56 -22.08 29.27 10.17
N ILE C 57 -22.75 29.17 9.03
CA ILE C 57 -22.76 30.25 8.06
C ILE C 57 -23.50 31.45 8.64
N LYS C 58 -24.69 31.23 9.18
CA LYS C 58 -25.46 32.31 9.78
C LYS C 58 -24.59 32.99 10.82
N ASN C 59 -23.95 32.21 11.67
CA ASN C 59 -23.10 32.75 12.71
C ASN C 59 -21.92 33.58 12.20
N LEU C 60 -21.27 33.10 11.14
CA LEU C 60 -20.15 33.85 10.58
C LEU C 60 -20.71 35.16 10.02
N ALA C 61 -21.88 35.07 9.39
CA ALA C 61 -22.54 36.23 8.79
C ALA C 61 -22.85 37.37 9.76
N LYS C 62 -22.92 37.07 11.05
CA LYS C 62 -23.24 38.07 12.06
C LYS C 62 -22.10 39.02 12.37
N THR C 63 -20.89 38.50 12.23
CA THR C 63 -19.66 39.22 12.51
C THR C 63 -18.83 39.60 11.29
N SER C 64 -19.16 38.99 10.16
CA SER C 64 -18.42 39.25 8.92
C SER C 64 -19.36 39.46 7.74
N ASN C 65 -18.83 40.07 6.69
CA ASN C 65 -19.59 40.31 5.47
C ASN C 65 -19.55 39.00 4.68
N VAL C 66 -20.67 38.29 4.69
CA VAL C 66 -20.76 37.00 4.01
C VAL C 66 -21.80 36.97 2.90
N LYS C 67 -21.39 36.58 1.69
CA LYS C 67 -22.30 36.46 0.57
C LYS C 67 -22.34 34.99 0.14
N VAL C 68 -23.53 34.41 0.20
CA VAL C 68 -23.73 33.00 -0.15
C VAL C 68 -24.65 32.84 -1.35
N ILE C 69 -24.39 31.83 -2.19
CA ILE C 69 -25.25 31.55 -3.33
C ILE C 69 -25.52 30.05 -3.36
N ARG C 70 -26.72 29.68 -3.80
CA ARG C 70 -27.11 28.29 -3.83
C ARG C 70 -26.49 27.46 -4.96
N GLY C 71 -26.45 26.16 -4.74
CA GLY C 71 -25.90 25.24 -5.74
C GLY C 71 -26.99 24.28 -6.18
N LYS C 72 -26.64 23.37 -7.09
CA LYS C 72 -27.61 22.39 -7.60
C LYS C 72 -28.40 21.64 -6.52
N TYR C 73 -27.71 21.09 -5.52
CA TYR C 73 -28.38 20.36 -4.45
C TYR C 73 -29.32 21.23 -3.63
N ASP C 74 -28.89 22.46 -3.38
CA ASP C 74 -29.71 23.39 -2.60
C ASP C 74 -30.98 23.70 -3.39
N GLN C 75 -30.81 23.88 -4.69
CA GLN C 75 -31.93 24.17 -5.58
C GLN C 75 -32.93 23.02 -5.61
N LEU C 76 -32.43 21.78 -5.64
CA LEU C 76 -33.31 20.63 -5.68
C LEU C 76 -34.21 20.53 -4.45
N ILE C 77 -33.77 21.13 -3.35
CA ILE C 77 -34.55 21.14 -2.12
C ILE C 77 -35.45 22.38 -2.11
N ALA C 78 -34.87 23.54 -2.38
CA ALA C 78 -35.62 24.80 -2.41
C ALA C 78 -36.80 24.83 -3.38
N MET C 79 -36.69 24.12 -4.51
CA MET C 79 -37.76 24.13 -5.50
C MET C 79 -39.04 23.41 -5.08
N SER C 80 -38.96 22.62 -4.02
CA SER C 80 -40.12 21.85 -3.56
C SER C 80 -41.27 22.70 -3.04
N ASP C 81 -42.49 22.19 -3.22
CA ASP C 81 -43.69 22.87 -2.73
C ASP C 81 -43.51 23.20 -1.25
N PRO C 82 -43.70 24.48 -0.91
CA PRO C 82 -43.51 24.96 0.46
C PRO C 82 -44.26 24.09 1.48
N HIS C 83 -45.41 23.53 1.02
CA HIS C 83 -46.27 22.81 1.95
C HIS C 83 -46.18 21.28 1.82
N ALA C 84 -45.15 20.80 1.08
CA ALA C 84 -45.00 19.36 0.91
C ALA C 84 -44.88 18.63 2.25
N GLY C 85 -45.63 17.53 2.38
CA GLY C 85 -45.58 16.77 3.64
C GLY C 85 -44.40 15.78 3.68
N ASP C 86 -43.93 15.41 2.49
CA ASP C 86 -42.86 14.45 2.37
C ASP C 86 -41.98 14.86 1.20
N PRO C 87 -40.73 14.36 1.18
CA PRO C 87 -39.83 14.69 0.07
C PRO C 87 -39.86 13.63 -1.03
N LYS C 88 -41.03 13.04 -1.25
CA LYS C 88 -41.22 12.00 -2.27
C LYS C 88 -40.91 12.46 -3.68
N TYR C 89 -41.16 13.73 -3.98
CA TYR C 89 -40.91 14.26 -5.33
C TYR C 89 -39.51 13.92 -5.81
N ILE C 90 -38.59 13.80 -4.85
CA ILE C 90 -37.19 13.48 -5.14
C ILE C 90 -36.99 12.17 -5.88
N ASP C 91 -37.85 11.19 -5.64
CA ASP C 91 -37.71 9.89 -6.30
C ASP C 91 -38.00 9.91 -7.79
N LYS C 92 -38.68 10.94 -8.26
CA LYS C 92 -39.00 11.05 -9.68
C LYS C 92 -37.87 11.78 -10.43
N LEU C 93 -37.01 12.44 -9.67
CA LEU C 93 -35.90 13.19 -10.28
C LEU C 93 -34.87 12.24 -10.90
N GLU C 94 -34.26 12.67 -12.00
CA GLU C 94 -33.25 11.85 -12.68
C GLU C 94 -31.89 12.00 -12.01
N ILE C 95 -31.72 11.36 -10.85
CA ILE C 95 -30.47 11.44 -10.11
C ILE C 95 -30.09 10.08 -9.53
N PRO C 96 -28.81 9.88 -9.16
CA PRO C 96 -28.41 8.60 -8.59
C PRO C 96 -29.18 8.26 -7.32
N ASP C 97 -29.24 6.97 -7.00
CA ASP C 97 -29.97 6.52 -5.82
C ASP C 97 -29.46 7.15 -4.52
N HIS C 98 -28.14 7.17 -4.33
CA HIS C 98 -27.58 7.72 -3.10
C HIS C 98 -27.98 9.18 -2.87
N LEU C 99 -28.01 9.97 -3.95
CA LEU C 99 -28.37 11.37 -3.83
C LEU C 99 -29.84 11.52 -3.44
N LYS C 100 -30.70 10.66 -3.98
CA LYS C 100 -32.11 10.73 -3.63
C LYS C 100 -32.18 10.59 -2.12
N ALA C 101 -31.45 9.61 -1.59
CA ALA C 101 -31.43 9.37 -0.16
C ALA C 101 -30.93 10.56 0.66
N THR C 102 -29.76 11.08 0.30
CA THR C 102 -29.18 12.21 1.02
C THR C 102 -30.02 13.47 0.90
N LEU C 103 -30.62 13.70 -0.26
CA LEU C 103 -31.45 14.88 -0.43
C LEU C 103 -32.73 14.75 0.40
N LYS C 104 -33.38 13.58 0.33
CA LYS C 104 -34.60 13.36 1.09
C LYS C 104 -34.26 13.54 2.57
N TYR C 105 -33.14 12.97 2.99
CA TYR C 105 -32.68 13.07 4.36
C TYR C 105 -32.51 14.55 4.73
N THR C 106 -31.81 15.28 3.87
CA THR C 106 -31.56 16.69 4.10
C THR C 106 -32.85 17.50 4.14
N TRP C 107 -33.76 17.21 3.21
CA TRP C 107 -35.03 17.92 3.16
C TRP C 107 -35.73 17.83 4.52
N GLU C 108 -35.77 16.63 5.08
CA GLU C 108 -36.41 16.39 6.36
C GLU C 108 -35.68 17.04 7.53
N LYS C 109 -34.37 16.80 7.62
CA LYS C 109 -33.56 17.37 8.70
C LYS C 109 -33.57 18.89 8.74
N LEU C 110 -33.71 19.51 7.57
CA LEU C 110 -33.74 20.97 7.50
C LEU C 110 -34.98 21.57 8.15
N GLY C 111 -36.11 20.89 8.00
CA GLY C 111 -37.34 21.41 8.56
C GLY C 111 -37.80 22.56 7.69
N HIS C 112 -38.91 23.19 8.04
CA HIS C 112 -39.41 24.30 7.24
C HIS C 112 -38.43 25.47 7.25
N GLU C 113 -37.95 25.82 8.44
CA GLU C 113 -37.01 26.92 8.62
C GLU C 113 -35.73 26.75 7.78
N GLY C 114 -35.22 25.52 7.73
CA GLY C 114 -34.02 25.26 6.96
C GLY C 114 -34.28 25.33 5.47
N ARG C 115 -35.43 24.79 5.05
CA ARG C 115 -35.79 24.81 3.64
C ARG C 115 -35.99 26.24 3.19
N GLU C 116 -36.62 27.06 4.03
CA GLU C 116 -36.86 28.46 3.70
C GLU C 116 -35.53 29.21 3.57
N TYR C 117 -34.56 28.83 4.38
CA TYR C 117 -33.25 29.46 4.31
C TYR C 117 -32.63 29.26 2.92
N LEU C 118 -32.78 28.05 2.37
CA LEU C 118 -32.24 27.78 1.03
C LEU C 118 -33.00 28.58 -0.01
N ARG C 119 -34.31 28.73 0.18
CA ARG C 119 -35.15 29.47 -0.75
C ARG C 119 -34.77 30.94 -0.82
N ASP C 120 -34.15 31.46 0.25
CA ASP C 120 -33.74 32.87 0.26
C ASP C 120 -32.35 33.09 -0.33
N LEU C 121 -31.61 32.01 -0.54
CA LEU C 121 -30.26 32.13 -1.08
C LEU C 121 -30.27 32.62 -2.52
N PRO C 122 -29.42 33.60 -2.84
CA PRO C 122 -29.36 34.12 -4.20
C PRO C 122 -28.77 33.08 -5.15
N ILE C 123 -28.97 33.26 -6.44
CA ILE C 123 -28.42 32.35 -7.44
C ILE C 123 -27.11 32.93 -7.97
N TYR C 124 -27.10 34.26 -8.10
CA TYR C 124 -25.96 34.98 -8.66
C TYR C 124 -25.20 35.87 -7.70
N LEU C 125 -23.89 35.87 -7.86
CA LEU C 125 -23.03 36.71 -7.04
C LEU C 125 -22.54 37.83 -7.97
N VAL C 126 -22.85 39.06 -7.60
CA VAL C 126 -22.41 40.22 -8.37
C VAL C 126 -21.83 41.14 -7.32
N ASP C 127 -20.53 41.35 -7.36
CA ASP C 127 -19.89 42.16 -6.37
C ASP C 127 -18.58 42.66 -6.97
N LYS C 128 -17.83 43.33 -6.13
CA LYS C 128 -16.51 43.72 -6.55
C LYS C 128 -15.53 43.16 -5.55
N ILE C 129 -14.31 43.08 -6.01
CA ILE C 129 -13.23 42.84 -5.10
C ILE C 129 -12.25 43.98 -5.29
N GLY C 130 -12.24 44.90 -4.33
CA GLY C 130 -11.57 46.16 -4.61
C GLY C 130 -12.32 46.94 -5.69
N LYS C 131 -11.60 47.29 -6.74
CA LYS C 131 -12.16 48.07 -7.85
C LYS C 131 -12.68 47.15 -8.96
N ASN C 132 -12.34 45.87 -8.85
CA ASN C 132 -12.71 44.89 -9.86
C ASN C 132 -14.09 44.25 -9.71
N GLU C 133 -14.90 44.34 -10.76
CA GLU C 133 -16.23 43.72 -10.73
C GLU C 133 -16.08 42.21 -10.91
N ILE C 134 -16.83 41.44 -10.14
CA ILE C 134 -16.77 39.99 -10.26
C ILE C 134 -18.16 39.40 -10.34
N PHE C 135 -18.24 38.20 -10.92
CA PHE C 135 -19.52 37.51 -11.09
C PHE C 135 -19.32 36.07 -10.63
N GLY C 136 -20.33 35.51 -9.97
CA GLY C 136 -20.21 34.15 -9.49
C GLY C 136 -21.47 33.34 -9.67
N VAL C 137 -21.32 32.06 -10.01
CA VAL C 137 -22.44 31.16 -10.20
C VAL C 137 -21.94 29.74 -9.88
N TYR C 138 -22.85 28.87 -9.47
CA TYR C 138 -22.49 27.50 -9.14
C TYR C 138 -21.92 26.69 -10.30
N GLY C 139 -22.74 26.49 -11.33
CA GLY C 139 -22.32 25.70 -12.48
C GLY C 139 -21.56 26.45 -13.55
N SER C 140 -22.29 27.17 -14.40
CA SER C 140 -21.66 27.95 -15.47
C SER C 140 -22.57 29.11 -15.84
N PRO C 141 -22.01 30.14 -16.49
CA PRO C 141 -22.81 31.28 -16.90
C PRO C 141 -23.99 30.86 -17.81
N VAL C 142 -23.74 29.86 -18.66
CA VAL C 142 -24.76 29.38 -19.57
C VAL C 142 -25.86 28.59 -18.84
N ASN C 143 -25.49 27.83 -17.81
CA ASN C 143 -26.46 27.04 -17.07
C ASN C 143 -26.05 27.04 -15.60
N PRO C 144 -26.63 27.94 -14.79
CA PRO C 144 -26.31 28.05 -13.36
C PRO C 144 -26.25 26.75 -12.55
N PHE C 145 -27.22 25.87 -12.73
CA PHE C 145 -27.22 24.65 -11.92
C PHE C 145 -26.75 23.37 -12.60
N ASP C 146 -26.94 23.26 -13.91
CA ASP C 146 -26.54 22.04 -14.62
C ASP C 146 -25.30 22.19 -15.48
N GLY C 147 -24.77 23.40 -15.57
CA GLY C 147 -23.58 23.61 -16.36
C GLY C 147 -22.34 23.19 -15.58
N GLU C 148 -21.38 22.60 -16.28
CA GLU C 148 -20.14 22.18 -15.62
C GLU C 148 -18.92 22.69 -16.34
N ILE C 149 -18.09 23.44 -15.62
CA ILE C 149 -16.85 23.96 -16.18
C ILE C 149 -15.76 23.03 -15.69
N LEU C 150 -15.14 22.33 -16.63
CA LEU C 150 -14.07 21.38 -16.32
C LEU C 150 -12.79 22.04 -15.85
N PRO C 151 -12.06 21.35 -14.97
CA PRO C 151 -10.79 21.88 -14.46
C PRO C 151 -9.70 21.39 -15.38
N ASP C 152 -8.54 22.03 -15.31
CA ASP C 152 -7.39 21.59 -16.10
C ASP C 152 -7.59 21.47 -17.61
N GLN C 153 -8.19 22.49 -18.23
CA GLN C 153 -8.41 22.52 -19.68
C GLN C 153 -7.51 23.61 -20.28
N PRO C 154 -7.34 23.63 -21.60
CA PRO C 154 -6.49 24.68 -22.15
C PRO C 154 -7.16 26.05 -22.04
N THR C 155 -6.35 27.10 -22.10
CA THR C 155 -6.85 28.47 -22.00
C THR C 155 -8.04 28.78 -22.92
N SER C 156 -7.99 28.29 -24.15
CA SER C 156 -9.07 28.55 -25.11
C SER C 156 -10.43 28.09 -24.59
N TYR C 157 -10.44 27.01 -23.81
CA TYR C 157 -11.69 26.49 -23.25
C TYR C 157 -12.31 27.52 -22.32
N TYR C 158 -11.48 28.08 -21.44
CA TYR C 158 -11.95 29.08 -20.49
C TYR C 158 -12.25 30.41 -21.15
N GLU C 159 -11.48 30.75 -22.18
CA GLU C 159 -11.68 32.00 -22.89
C GLU C 159 -13.10 32.06 -23.46
N ALA C 160 -13.56 30.95 -24.03
CA ALA C 160 -14.89 30.90 -24.62
C ALA C 160 -15.96 31.00 -23.53
N ILE C 161 -15.64 30.50 -22.34
CA ILE C 161 -16.58 30.53 -21.22
C ILE C 161 -16.66 31.91 -20.59
N MET C 162 -15.54 32.63 -20.60
CA MET C 162 -15.47 33.97 -20.02
C MET C 162 -16.07 35.05 -20.91
N ARG C 163 -16.05 34.82 -22.23
CA ARG C 163 -16.57 35.81 -23.17
C ARG C 163 -17.95 36.40 -22.89
N PRO C 164 -18.95 35.54 -22.59
CA PRO C 164 -20.30 36.03 -22.30
C PRO C 164 -20.41 36.85 -21.01
N VAL C 165 -19.32 36.88 -20.24
CA VAL C 165 -19.30 37.66 -18.99
C VAL C 165 -17.99 38.45 -18.94
N LYS C 166 -17.51 38.84 -20.12
CA LYS C 166 -16.27 39.60 -20.23
C LYS C 166 -16.35 40.98 -19.60
N GLU C 167 -17.52 41.43 -19.21
CA GLU C 167 -17.57 42.74 -18.58
C GLU C 167 -17.03 42.64 -17.15
N TYR C 168 -16.87 41.41 -16.65
CA TYR C 168 -16.36 41.21 -15.29
C TYR C 168 -14.90 40.80 -15.29
N GLU C 169 -14.14 41.23 -14.29
CA GLU C 169 -12.72 40.89 -14.20
C GLU C 169 -12.47 39.44 -13.80
N MET C 170 -13.38 38.87 -13.02
CA MET C 170 -13.21 37.49 -12.55
C MET C 170 -14.54 36.77 -12.48
N LEU C 171 -14.53 35.50 -12.89
CA LEU C 171 -15.72 34.65 -12.84
C LEU C 171 -15.45 33.55 -11.82
N LEU C 172 -16.29 33.47 -10.79
CA LEU C 172 -16.12 32.45 -9.75
C LEU C 172 -17.17 31.36 -9.92
N VAL C 173 -16.69 30.12 -9.99
CA VAL C 173 -17.58 28.98 -10.17
C VAL C 173 -17.18 27.82 -9.26
N ALA C 174 -18.13 26.94 -8.97
CA ALA C 174 -17.86 25.80 -8.11
C ALA C 174 -17.73 24.49 -8.86
N SER C 175 -18.38 24.38 -10.02
CA SER C 175 -18.36 23.14 -10.80
C SER C 175 -17.01 22.46 -11.09
N PRO C 176 -15.91 23.24 -11.21
CA PRO C 176 -14.61 22.61 -11.48
C PRO C 176 -14.15 21.65 -10.37
N ARG C 177 -14.59 21.92 -9.14
CA ARG C 177 -14.26 21.07 -7.99
C ARG C 177 -12.80 21.16 -7.52
N TYR C 178 -11.91 21.61 -8.40
CA TYR C 178 -10.48 21.73 -8.08
C TYR C 178 -10.03 23.19 -8.19
N PRO C 179 -8.92 23.55 -7.53
CA PRO C 179 -8.48 24.93 -7.64
C PRO C 179 -8.24 25.27 -9.11
N LEU C 180 -8.78 26.40 -9.55
CA LEU C 180 -8.61 26.83 -10.93
C LEU C 180 -8.37 28.33 -10.95
N ASP C 181 -7.37 28.75 -11.72
CA ASP C 181 -7.03 30.16 -11.84
C ASP C 181 -6.58 30.39 -13.28
N ALA C 182 -7.54 30.43 -14.20
CA ALA C 182 -7.23 30.61 -15.61
C ALA C 182 -7.44 32.01 -16.13
N MET C 183 -6.35 32.63 -16.58
CA MET C 183 -6.43 33.98 -17.12
C MET C 183 -6.81 33.87 -18.59
N THR C 184 -7.65 34.79 -19.05
CA THR C 184 -8.07 34.81 -20.45
C THR C 184 -8.13 36.27 -20.85
N MET C 185 -8.21 36.53 -22.14
CA MET C 185 -8.26 37.91 -22.63
C MET C 185 -9.53 38.61 -22.17
N TYR C 186 -10.49 37.85 -21.67
CA TYR C 186 -11.74 38.42 -21.19
C TYR C 186 -11.86 38.38 -19.68
N GLY C 187 -10.78 38.02 -18.99
CA GLY C 187 -10.86 37.96 -17.54
C GLY C 187 -10.42 36.63 -16.98
N ARG C 188 -10.50 36.48 -15.66
CA ARG C 188 -10.08 35.25 -14.99
C ARG C 188 -11.21 34.33 -14.55
N VAL C 189 -11.09 33.04 -14.90
CA VAL C 189 -12.07 32.04 -14.49
C VAL C 189 -11.44 31.36 -13.28
N VAL C 190 -12.13 31.43 -12.13
CA VAL C 190 -11.60 30.88 -10.90
C VAL C 190 -12.54 29.95 -10.12
N CYS C 191 -11.97 28.89 -9.57
CA CYS C 191 -12.69 27.95 -8.71
C CYS C 191 -11.84 27.81 -7.46
N PRO C 192 -12.42 28.01 -6.27
CA PRO C 192 -11.67 27.91 -5.03
C PRO C 192 -11.35 26.47 -4.60
N GLY C 193 -11.96 25.51 -5.28
CA GLY C 193 -11.75 24.12 -4.93
C GLY C 193 -13.02 23.66 -4.22
N SER C 194 -12.94 22.53 -3.54
CA SER C 194 -14.09 22.00 -2.83
C SER C 194 -13.83 21.90 -1.32
N ILE C 195 -14.71 22.51 -0.53
CA ILE C 195 -14.57 22.49 0.92
C ILE C 195 -14.89 21.12 1.51
N GLY C 196 -16.06 20.57 1.18
CA GLY C 196 -16.43 19.29 1.75
C GLY C 196 -16.93 18.19 0.82
N PHE C 197 -16.82 18.40 -0.48
CA PHE C 197 -17.27 17.41 -1.45
C PHE C 197 -16.05 16.84 -2.17
N PRO C 198 -15.52 15.69 -1.68
CA PRO C 198 -14.35 15.06 -2.27
C PRO C 198 -14.42 14.72 -3.76
N PRO C 199 -13.48 15.24 -4.56
CA PRO C 199 -13.45 14.98 -5.99
C PRO C 199 -12.64 13.71 -6.24
N ALA C 200 -11.84 13.33 -5.24
CA ALA C 200 -10.98 12.15 -5.31
C ALA C 200 -10.58 11.70 -3.91
N ARG C 201 -9.56 10.85 -3.82
CA ARG C 201 -9.12 10.35 -2.52
C ARG C 201 -8.30 11.40 -1.78
N GLU C 202 -8.07 11.15 -0.49
CA GLU C 202 -7.29 12.03 0.36
C GLU C 202 -7.69 13.51 0.24
N HIS C 203 -8.99 13.76 0.14
CA HIS C 203 -9.47 15.14 0.02
C HIS C 203 -9.22 15.96 1.27
N LYS C 204 -8.83 17.21 1.05
CA LYS C 204 -8.59 18.15 2.13
C LYS C 204 -9.48 19.35 1.83
N ALA C 205 -10.08 19.93 2.86
CA ALA C 205 -10.94 21.09 2.68
C ALA C 205 -10.09 22.14 1.96
N THR C 206 -10.56 22.58 0.80
CA THR C 206 -9.83 23.53 -0.02
C THR C 206 -10.62 24.79 -0.34
N PHE C 207 -9.95 25.95 -0.21
CA PHE C 207 -10.58 27.23 -0.51
C PHE C 207 -9.53 28.22 -1.01
N ALA C 208 -9.97 29.41 -1.36
CA ALA C 208 -9.04 30.42 -1.88
C ALA C 208 -9.13 31.76 -1.15
N LEU C 209 -8.03 32.49 -1.22
CA LEU C 209 -7.91 33.83 -0.66
C LEU C 209 -7.52 34.69 -1.86
N VAL C 210 -8.35 35.66 -2.19
CA VAL C 210 -8.08 36.52 -3.33
C VAL C 210 -7.57 37.88 -2.84
N ASP C 211 -6.40 38.28 -3.32
CA ASP C 211 -5.80 39.57 -2.95
C ASP C 211 -6.69 40.69 -3.49
N ALA C 212 -7.23 41.49 -2.58
CA ALA C 212 -8.12 42.59 -2.95
C ALA C 212 -7.53 43.68 -3.84
N GLU C 213 -6.21 43.64 -4.06
CA GLU C 213 -5.55 44.64 -4.88
C GLU C 213 -4.98 44.10 -6.19
N THR C 214 -4.33 42.95 -6.11
CA THR C 214 -3.73 42.34 -7.29
C THR C 214 -4.62 41.28 -7.91
N LEU C 215 -5.71 40.96 -7.21
CA LEU C 215 -6.63 39.91 -7.65
C LEU C 215 -5.87 38.58 -7.71
N LYS C 216 -4.67 38.53 -7.14
CA LYS C 216 -3.93 37.27 -7.17
C LYS C 216 -4.63 36.27 -6.25
N VAL C 217 -4.69 35.02 -6.72
CA VAL C 217 -5.35 33.96 -5.98
C VAL C 217 -4.37 33.03 -5.31
N LYS C 218 -4.70 32.67 -4.08
CA LYS C 218 -3.88 31.81 -3.25
C LYS C 218 -4.76 30.68 -2.73
N PHE C 219 -4.39 29.44 -2.99
CA PHE C 219 -5.18 28.30 -2.53
C PHE C 219 -4.69 27.71 -1.21
N ILE C 220 -5.63 27.38 -0.33
CA ILE C 220 -5.33 26.81 0.98
C ILE C 220 -5.98 25.43 1.12
N GLU C 221 -5.26 24.48 1.70
CA GLU C 221 -5.77 23.13 1.92
C GLU C 221 -5.62 22.78 3.40
N VAL C 222 -6.68 22.26 4.01
CA VAL C 222 -6.61 21.90 5.41
C VAL C 222 -7.27 20.54 5.66
N GLU C 223 -6.68 19.77 6.58
CA GLU C 223 -7.20 18.45 6.92
C GLU C 223 -8.39 18.54 7.85
N TYR C 224 -9.23 17.51 7.79
CA TYR C 224 -10.39 17.39 8.66
C TYR C 224 -10.62 15.89 8.91
N ASP C 225 -11.35 15.58 9.98
CA ASP C 225 -11.60 14.20 10.36
C ASP C 225 -12.75 13.53 9.60
N LYS C 226 -12.41 12.55 8.77
CA LYS C 226 -13.40 11.83 7.97
C LYS C 226 -14.08 10.73 8.77
N LYS C 227 -13.39 10.23 9.79
CA LYS C 227 -13.95 9.14 10.60
C LYS C 227 -15.29 9.51 11.24
N ILE C 228 -15.36 10.66 11.90
CA ILE C 228 -16.59 11.08 12.53
C ILE C 228 -17.72 11.22 11.50
N ILE C 229 -17.34 11.64 10.29
CA ILE C 229 -18.32 11.78 9.22
C ILE C 229 -18.83 10.40 8.85
N GLU C 230 -17.90 9.46 8.74
CA GLU C 230 -18.24 8.08 8.42
C GLU C 230 -19.21 7.53 9.46
N ASP C 231 -18.89 7.76 10.74
CA ASP C 231 -19.71 7.28 11.86
C ASP C 231 -21.12 7.86 11.83
N ARG C 232 -21.20 9.15 11.50
CA ARG C 232 -22.49 9.82 11.44
C ARG C 232 -23.31 9.28 10.27
N ILE C 233 -22.65 9.01 9.15
CA ILE C 233 -23.34 8.47 7.98
C ILE C 233 -24.01 7.16 8.36
N LYS C 234 -23.27 6.30 9.06
CA LYS C 234 -23.80 5.01 9.49
C LYS C 234 -24.90 5.18 10.54
N LEU C 235 -24.68 6.11 11.47
CA LEU C 235 -25.66 6.39 12.53
C LEU C 235 -27.00 6.76 11.91
N GLU C 236 -26.96 7.57 10.86
CA GLU C 236 -28.17 8.04 10.18
C GLU C 236 -28.70 7.04 9.15
N LYS C 237 -27.98 5.94 8.95
CA LYS C 237 -28.38 4.90 8.00
C LYS C 237 -28.36 5.34 6.53
N LEU C 238 -27.49 6.26 6.17
CA LEU C 238 -27.40 6.71 4.78
C LEU C 238 -26.60 5.68 3.97
N PRO C 239 -26.75 5.67 2.64
CA PRO C 239 -26.04 4.73 1.75
C PRO C 239 -24.54 4.63 1.94
N GLU C 240 -24.01 3.41 1.78
CA GLU C 240 -22.58 3.18 1.93
C GLU C 240 -21.86 3.97 0.84
N GLU C 241 -22.56 4.24 -0.25
CA GLU C 241 -22.00 4.99 -1.37
C GLU C 241 -21.46 6.35 -0.89
N VAL C 242 -22.13 6.95 0.09
CA VAL C 242 -21.71 8.23 0.61
C VAL C 242 -20.33 8.11 1.27
N ILE C 243 -20.09 6.97 1.93
CA ILE C 243 -18.82 6.72 2.58
C ILE C 243 -17.74 6.60 1.50
N LYS C 244 -18.08 5.95 0.40
CA LYS C 244 -17.13 5.77 -0.70
C LYS C 244 -16.73 7.11 -1.32
N ILE C 245 -17.70 8.01 -1.45
CA ILE C 245 -17.43 9.34 -1.99
C ILE C 245 -16.49 10.07 -1.02
N LEU C 246 -16.77 9.92 0.27
CA LEU C 246 -15.97 10.53 1.32
C LEU C 246 -14.48 10.22 1.16
N TYR C 247 -14.16 8.94 0.95
CA TYR C 247 -12.77 8.49 0.84
C TYR C 247 -12.21 8.36 -0.58
N HIS C 248 -13.08 8.28 -1.58
CA HIS C 248 -12.61 8.07 -2.96
C HIS C 248 -13.09 9.16 -3.95
N GLY C 249 -13.93 10.07 -3.50
CA GLY C 249 -14.43 11.10 -4.38
C GLY C 249 -15.65 10.70 -5.20
N GLY C 250 -16.31 11.70 -5.75
CA GLY C 250 -17.48 11.46 -6.56
C GLY C 250 -17.80 12.68 -7.40
N LYS C 251 -18.58 12.48 -8.45
CA LYS C 251 -18.94 13.60 -9.32
C LYS C 251 -20.25 14.20 -8.83
N ALA C 252 -20.40 15.51 -8.99
CA ALA C 252 -21.60 16.22 -8.53
C ALA C 252 -22.86 15.78 -9.25
N MET D 1 9.95 51.39 -28.71
CA MET D 1 10.54 50.71 -27.52
C MET D 1 11.58 49.73 -28.01
N VAL D 2 12.27 49.06 -27.09
CA VAL D 2 13.28 48.09 -27.46
C VAL D 2 12.71 46.69 -27.30
N TYR D 3 12.83 45.89 -28.35
CA TYR D 3 12.32 44.53 -28.38
C TYR D 3 13.39 43.55 -28.80
N VAL D 4 13.19 42.28 -28.45
CA VAL D 4 14.11 41.24 -28.86
C VAL D 4 13.34 40.37 -29.85
N ALA D 5 13.90 40.16 -31.03
CA ALA D 5 13.24 39.35 -32.04
C ALA D 5 13.60 37.87 -31.82
N VAL D 6 12.58 37.03 -31.75
CA VAL D 6 12.79 35.59 -31.55
C VAL D 6 12.23 34.82 -32.74
N LEU D 7 13.09 34.11 -33.44
CA LEU D 7 12.66 33.32 -34.59
C LEU D 7 13.06 31.86 -34.38
N ALA D 8 12.34 30.95 -35.08
CA ALA D 8 12.64 29.53 -34.96
C ALA D 8 12.18 28.74 -36.18
N ASN D 9 12.79 27.56 -36.34
CA ASN D 9 12.45 26.62 -37.43
C ASN D 9 12.43 27.25 -38.82
N ILE D 10 13.60 27.79 -39.25
CA ILE D 10 13.70 28.27 -40.63
C ILE D 10 13.71 27.07 -41.55
N ALA D 11 14.38 26.03 -41.03
CA ALA D 11 14.45 24.72 -41.71
C ALA D 11 14.90 24.77 -43.17
N GLY D 12 15.79 25.74 -43.49
CA GLY D 12 16.33 25.79 -44.85
C GLY D 12 15.44 26.57 -45.83
N ASN D 13 14.34 27.17 -45.30
CA ASN D 13 13.43 27.97 -46.12
C ASN D 13 13.90 29.43 -46.19
N PHE D 14 14.73 29.73 -47.21
CA PHE D 14 15.27 31.09 -47.36
C PHE D 14 14.18 32.15 -47.60
N PRO D 15 13.28 31.88 -48.55
CA PRO D 15 12.20 32.82 -48.87
C PRO D 15 11.40 33.27 -47.64
N ALA D 16 11.08 32.29 -46.77
CA ALA D 16 10.34 32.61 -45.55
C ALA D 16 11.18 33.48 -44.62
N LEU D 17 12.46 33.10 -44.47
CA LEU D 17 13.36 33.89 -43.62
C LEU D 17 13.46 35.33 -44.13
N THR D 18 13.61 35.48 -45.47
CA THR D 18 13.71 36.82 -46.03
C THR D 18 12.47 37.66 -45.75
N ALA D 19 11.29 37.01 -45.91
CA ALA D 19 10.05 37.73 -45.65
C ALA D 19 9.98 38.25 -44.22
N ALA D 20 10.45 37.39 -43.28
CA ALA D 20 10.43 37.78 -41.87
C ALA D 20 11.39 38.94 -41.59
N LEU D 21 12.65 38.80 -42.07
CA LEU D 21 13.63 39.85 -41.80
C LEU D 21 13.22 41.18 -42.43
N GLU D 22 12.55 41.10 -43.60
CA GLU D 22 12.10 42.33 -44.25
C GLU D 22 10.98 42.98 -43.45
N LYS D 23 10.08 42.13 -42.89
CA LYS D 23 9.00 42.66 -42.06
C LYS D 23 9.57 43.38 -40.86
N ILE D 24 10.65 42.76 -40.29
CA ILE D 24 11.30 43.37 -39.13
C ILE D 24 11.93 44.72 -39.48
N GLU D 25 12.50 44.78 -40.71
CA GLU D 25 13.08 46.06 -41.14
C GLU D 25 11.99 47.11 -41.24
N GLU D 26 10.80 46.61 -41.62
CA GLU D 26 9.62 47.48 -41.76
C GLU D 26 9.12 47.93 -40.39
N LEU D 27 9.08 46.97 -39.45
CA LEU D 27 8.59 47.29 -38.10
C LEU D 27 9.51 48.26 -37.36
N LYS D 28 10.82 48.27 -37.77
CA LYS D 28 11.75 49.20 -37.16
C LYS D 28 11.35 50.64 -37.48
N GLU D 29 10.72 50.77 -38.66
CA GLU D 29 10.29 52.09 -39.08
C GLU D 29 8.88 52.40 -38.58
N GLU D 30 8.35 51.42 -37.78
CA GLU D 30 7.02 51.57 -37.18
C GLU D 30 7.08 51.66 -35.66
N GLY D 31 8.27 51.97 -35.12
CA GLY D 31 8.34 52.19 -33.67
C GLY D 31 8.90 51.00 -32.84
N TYR D 32 9.42 49.94 -33.53
CA TYR D 32 10.00 48.81 -32.78
C TYR D 32 11.50 48.83 -32.90
N GLU D 33 12.18 49.08 -31.78
CA GLU D 33 13.62 49.01 -31.83
C GLU D 33 14.07 47.60 -31.52
N ILE D 34 14.87 47.01 -32.45
CA ILE D 34 15.29 45.62 -32.23
C ILE D 34 16.72 45.54 -31.74
N GLU D 35 16.87 45.41 -30.39
CA GLU D 35 18.23 45.39 -29.83
C GLU D 35 19.03 44.12 -30.14
N LYS D 36 18.33 42.98 -30.29
CA LYS D 36 19.01 41.73 -30.62
C LYS D 36 18.07 40.65 -31.12
N TYR D 37 18.69 39.58 -31.70
CA TYR D 37 17.89 38.48 -32.27
C TYR D 37 18.25 37.12 -31.65
N TYR D 38 17.21 36.33 -31.38
CA TYR D 38 17.40 34.94 -30.97
C TYR D 38 16.85 34.07 -32.07
N ILE D 39 17.73 33.23 -32.64
CA ILE D 39 17.29 32.34 -33.72
C ILE D 39 17.44 30.89 -33.32
N LEU D 40 16.25 30.23 -33.16
CA LEU D 40 16.15 28.85 -32.70
C LEU D 40 16.02 27.87 -33.89
N GLY D 41 16.66 26.70 -33.72
CA GLY D 41 16.63 25.70 -34.76
C GLY D 41 15.20 25.23 -35.03
N ASN D 42 15.04 24.38 -36.09
CA ASN D 42 16.09 23.99 -37.06
C ASN D 42 16.50 25.14 -37.99
N ILE D 43 17.81 25.39 -38.16
CA ILE D 43 18.20 26.36 -39.18
C ILE D 43 18.11 25.79 -40.64
N VAL D 44 18.65 24.55 -40.82
CA VAL D 44 18.59 23.91 -42.15
C VAL D 44 18.02 22.51 -42.04
N GLY D 45 17.99 21.78 -43.16
CA GLY D 45 17.54 20.40 -43.12
C GLY D 45 16.40 19.91 -43.98
N LEU D 46 15.42 20.77 -44.26
CA LEU D 46 14.26 20.35 -45.04
C LEU D 46 14.14 21.02 -46.41
N PHE D 47 13.99 22.34 -46.44
CA PHE D 47 13.87 23.05 -47.71
C PHE D 47 15.27 23.29 -48.28
N PRO D 48 15.38 23.33 -49.62
CA PRO D 48 16.61 23.50 -50.40
C PRO D 48 17.49 24.75 -50.41
N TYR D 49 17.45 25.60 -49.39
CA TYR D 49 18.28 26.81 -49.38
C TYR D 49 19.24 26.89 -48.18
N PRO D 50 19.89 25.78 -47.81
CA PRO D 50 20.80 25.80 -46.66
C PRO D 50 21.91 26.85 -46.70
N ARG D 51 22.60 26.95 -47.83
CA ARG D 51 23.67 27.94 -47.96
C ARG D 51 23.15 29.37 -47.80
N GLU D 52 22.04 29.69 -48.47
CA GLU D 52 21.47 31.02 -48.40
C GLU D 52 20.97 31.39 -46.99
N VAL D 53 20.38 30.43 -46.30
CA VAL D 53 19.89 30.70 -44.94
C VAL D 53 21.08 31.08 -44.04
N ILE D 54 22.14 30.27 -44.09
CA ILE D 54 23.32 30.53 -43.28
C ILE D 54 23.99 31.86 -43.64
N GLU D 55 24.05 32.18 -44.92
CA GLU D 55 24.65 33.45 -45.35
C GLU D 55 23.87 34.61 -44.76
N ALA D 56 22.55 34.52 -44.85
CA ALA D 56 21.66 35.55 -44.35
C ALA D 56 21.86 35.78 -42.84
N ILE D 57 21.97 34.69 -42.08
CA ILE D 57 22.18 34.81 -40.65
C ILE D 57 23.55 35.44 -40.35
N LYS D 58 24.59 34.94 -41.01
CA LYS D 58 25.96 35.45 -40.82
C LYS D 58 26.03 36.94 -41.13
N ASN D 59 25.41 37.35 -42.23
CA ASN D 59 25.39 38.74 -42.63
C ASN D 59 24.69 39.57 -41.55
N LEU D 60 23.56 39.06 -41.08
CA LEU D 60 22.79 39.74 -40.04
C LEU D 60 23.61 39.89 -38.76
N ALA D 61 24.31 38.81 -38.39
CA ALA D 61 25.14 38.78 -37.18
C ALA D 61 26.30 39.77 -37.18
N LYS D 62 26.61 40.29 -38.35
CA LYS D 62 27.71 41.25 -38.51
C LYS D 62 27.40 42.65 -38.05
N THR D 63 26.15 43.06 -38.25
CA THR D 63 25.72 44.39 -37.89
C THR D 63 24.71 44.38 -36.74
N SER D 64 24.32 43.19 -36.30
CA SER D 64 23.39 43.04 -35.19
C SER D 64 23.81 41.96 -34.20
N ASN D 65 23.22 41.99 -33.01
CA ASN D 65 23.53 41.00 -31.98
C ASN D 65 22.65 39.77 -32.23
N VAL D 66 23.24 38.72 -32.77
CA VAL D 66 22.48 37.51 -33.09
C VAL D 66 22.99 36.25 -32.40
N LYS D 67 22.11 35.59 -31.65
CA LYS D 67 22.45 34.35 -30.97
C LYS D 67 21.63 33.26 -31.62
N VAL D 68 22.30 32.22 -32.11
CA VAL D 68 21.62 31.11 -32.79
C VAL D 68 21.89 29.77 -32.06
N ILE D 69 20.89 28.90 -32.01
CA ILE D 69 21.09 27.59 -31.40
C ILE D 69 20.59 26.53 -32.38
N ARG D 70 21.27 25.39 -32.42
CA ARG D 70 20.93 24.32 -33.34
C ARG D 70 19.67 23.54 -32.98
N GLY D 71 19.04 22.97 -34.00
CA GLY D 71 17.86 22.16 -33.80
C GLY D 71 18.19 20.72 -34.14
N LYS D 72 17.19 19.84 -34.07
CA LYS D 72 17.35 18.43 -34.37
C LYS D 72 18.03 18.15 -35.72
N TYR D 73 17.49 18.73 -36.79
CA TYR D 73 18.04 18.52 -38.11
C TYR D 73 19.50 18.99 -38.21
N ASP D 74 19.77 20.15 -37.62
CA ASP D 74 21.13 20.69 -37.64
C ASP D 74 22.08 19.73 -36.93
N GLN D 75 21.59 19.13 -35.85
CA GLN D 75 22.39 18.18 -35.07
C GLN D 75 22.69 16.90 -35.86
N LEU D 76 21.70 16.41 -36.60
CA LEU D 76 21.90 15.19 -37.37
C LEU D 76 23.00 15.36 -38.42
N ILE D 77 23.25 16.61 -38.82
CA ILE D 77 24.30 16.90 -39.79
C ILE D 77 25.62 17.16 -39.07
N ALA D 78 25.58 18.02 -38.05
CA ALA D 78 26.77 18.36 -37.29
C ALA D 78 27.46 17.16 -36.66
N MET D 79 26.67 16.18 -36.22
CA MET D 79 27.22 14.98 -35.57
C MET D 79 28.04 14.05 -36.47
N SER D 80 27.95 14.22 -37.78
CA SER D 80 28.70 13.36 -38.69
C SER D 80 30.21 13.55 -38.60
N ASP D 81 30.95 12.50 -38.97
CA ASP D 81 32.41 12.56 -39.00
C ASP D 81 32.88 13.73 -39.88
N PRO D 82 33.79 14.55 -39.31
CA PRO D 82 34.29 15.73 -40.00
C PRO D 82 34.84 15.40 -41.39
N HIS D 83 35.30 14.13 -41.54
CA HIS D 83 35.93 13.59 -42.75
C HIS D 83 35.01 12.69 -43.61
N ALA D 84 33.66 12.76 -43.51
CA ALA D 84 32.86 11.85 -44.29
C ALA D 84 33.05 12.11 -45.78
N GLY D 85 33.05 11.05 -46.60
CA GLY D 85 33.11 11.30 -48.05
C GLY D 85 31.70 11.59 -48.64
N ASP D 86 30.70 11.16 -47.88
CA ASP D 86 29.31 11.20 -48.32
C ASP D 86 28.37 11.20 -47.10
N PRO D 87 27.08 11.51 -47.30
CA PRO D 87 26.11 11.52 -46.21
C PRO D 87 25.36 10.20 -46.04
N LYS D 88 25.97 9.11 -46.49
CA LYS D 88 25.31 7.80 -46.38
C LYS D 88 24.98 7.32 -44.98
N TYR D 89 25.62 7.91 -43.97
CA TYR D 89 25.32 7.51 -42.60
C TYR D 89 23.85 7.81 -42.30
N ILE D 90 23.30 8.79 -43.00
CA ILE D 90 21.91 9.20 -42.80
C ILE D 90 20.90 8.10 -43.13
N ASP D 91 21.25 7.19 -44.05
CA ASP D 91 20.34 6.12 -44.42
C ASP D 91 20.12 5.10 -43.31
N LYS D 92 20.98 5.12 -42.29
CA LYS D 92 20.89 4.20 -41.17
C LYS D 92 20.01 4.77 -40.07
N LEU D 93 19.76 6.07 -40.13
CA LEU D 93 18.95 6.74 -39.12
C LEU D 93 17.46 6.40 -39.20
N GLU D 94 16.81 6.43 -38.04
CA GLU D 94 15.39 6.12 -37.91
C GLU D 94 14.52 7.31 -38.27
N ILE D 95 14.57 7.75 -39.52
CA ILE D 95 13.80 8.91 -39.95
C ILE D 95 13.06 8.63 -41.26
N PRO D 96 12.01 9.41 -41.53
CA PRO D 96 11.25 9.20 -42.78
C PRO D 96 12.16 9.30 -44.00
N ASP D 97 11.82 8.56 -45.05
CA ASP D 97 12.58 8.55 -46.29
C ASP D 97 12.88 9.95 -46.84
N HIS D 98 11.86 10.81 -46.87
CA HIS D 98 12.04 12.16 -47.39
C HIS D 98 13.06 12.98 -46.60
N LEU D 99 13.08 12.80 -45.29
CA LEU D 99 14.01 13.53 -44.44
C LEU D 99 15.42 13.05 -44.72
N LYS D 100 15.56 11.76 -45.01
CA LYS D 100 16.86 11.21 -45.32
C LYS D 100 17.37 11.92 -46.57
N ALA D 101 16.48 12.11 -47.54
CA ALA D 101 16.84 12.77 -48.79
C ALA D 101 17.25 14.23 -48.59
N THR D 102 16.42 15.02 -47.89
CA THR D 102 16.74 16.43 -47.70
C THR D 102 17.96 16.64 -46.81
N LEU D 103 18.21 15.75 -45.86
CA LEU D 103 19.38 15.93 -45.02
C LEU D 103 20.65 15.62 -45.81
N LYS D 104 20.61 14.60 -46.66
CA LYS D 104 21.77 14.25 -47.47
C LYS D 104 22.09 15.41 -48.42
N TYR D 105 21.05 16.02 -48.96
CA TYR D 105 21.20 17.16 -49.86
C TYR D 105 21.85 18.31 -49.09
N THR D 106 21.35 18.57 -47.89
CA THR D 106 21.87 19.65 -47.07
C THR D 106 23.33 19.43 -46.70
N TRP D 107 23.65 18.21 -46.29
CA TRP D 107 25.01 17.84 -45.92
C TRP D 107 25.94 18.17 -47.08
N GLU D 108 25.55 17.74 -48.27
CA GLU D 108 26.34 17.95 -49.48
C GLU D 108 26.46 19.42 -49.85
N LYS D 109 25.32 20.09 -49.97
CA LYS D 109 25.30 21.51 -50.35
C LYS D 109 26.03 22.43 -49.36
N LEU D 110 26.00 22.08 -48.09
CA LEU D 110 26.66 22.89 -47.08
C LEU D 110 28.16 22.91 -47.29
N GLY D 111 28.70 21.78 -47.74
CA GLY D 111 30.13 21.70 -47.93
C GLY D 111 30.76 21.62 -46.54
N HIS D 112 32.07 21.48 -46.48
CA HIS D 112 32.76 21.38 -45.19
C HIS D 112 32.54 22.64 -44.33
N GLU D 113 32.66 23.79 -44.98
CA GLU D 113 32.51 25.07 -44.30
C GLU D 113 31.11 25.25 -43.69
N GLY D 114 30.10 24.76 -44.39
CA GLY D 114 28.73 24.87 -43.91
C GLY D 114 28.48 23.91 -42.76
N ARG D 115 29.03 22.71 -42.87
CA ARG D 115 28.86 21.72 -41.82
C ARG D 115 29.60 22.18 -40.56
N GLU D 116 30.73 22.84 -40.74
CA GLU D 116 31.48 23.35 -39.60
C GLU D 116 30.69 24.45 -38.90
N TYR D 117 29.97 25.26 -39.68
CA TYR D 117 29.17 26.33 -39.10
C TYR D 117 28.13 25.76 -38.15
N LEU D 118 27.49 24.68 -38.58
CA LEU D 118 26.49 24.04 -37.73
C LEU D 118 27.15 23.47 -36.48
N ARG D 119 28.37 22.95 -36.63
CA ARG D 119 29.10 22.38 -35.50
C ARG D 119 29.49 23.41 -34.43
N ASP D 120 29.60 24.67 -34.84
CA ASP D 120 29.92 25.74 -33.91
C ASP D 120 28.65 26.28 -33.20
N LEU D 121 27.49 25.89 -33.68
CA LEU D 121 26.25 26.38 -33.06
C LEU D 121 26.00 25.86 -31.65
N PRO D 122 25.71 26.77 -30.71
CA PRO D 122 25.44 26.36 -29.33
C PRO D 122 24.15 25.54 -29.29
N ILE D 123 23.96 24.78 -28.21
CA ILE D 123 22.75 23.99 -28.04
C ILE D 123 21.77 24.75 -27.18
N TYR D 124 22.30 25.46 -26.19
CA TYR D 124 21.50 26.19 -25.22
C TYR D 124 21.61 27.70 -25.31
N LEU D 125 20.48 28.37 -25.17
CA LEU D 125 20.45 29.83 -25.18
C LEU D 125 20.29 30.25 -23.72
N VAL D 126 21.26 30.99 -23.20
CA VAL D 126 21.20 31.48 -21.83
C VAL D 126 21.52 32.95 -21.96
N ASP D 127 20.50 33.78 -21.78
CA ASP D 127 20.72 35.20 -21.93
C ASP D 127 19.72 35.95 -21.07
N LYS D 128 19.66 37.24 -21.30
CA LYS D 128 18.76 38.10 -20.55
C LYS D 128 17.98 38.95 -21.51
N ILE D 129 16.74 39.26 -21.14
CA ILE D 129 15.91 40.14 -21.94
C ILE D 129 15.62 41.23 -20.93
N GLY D 130 16.64 42.07 -20.73
CA GLY D 130 16.54 43.15 -19.78
C GLY D 130 17.14 42.73 -18.46
N LYS D 131 16.28 42.59 -17.45
CA LYS D 131 16.71 42.17 -16.13
C LYS D 131 16.18 40.77 -15.93
N ASN D 132 15.52 40.27 -16.97
CA ASN D 132 14.93 38.95 -16.93
C ASN D 132 15.83 37.90 -17.57
N GLU D 133 16.17 36.88 -16.79
CA GLU D 133 17.00 35.80 -17.28
C GLU D 133 16.10 34.88 -18.10
N ILE D 134 16.60 34.39 -19.23
CA ILE D 134 15.79 33.50 -20.04
C ILE D 134 16.64 32.33 -20.51
N PHE D 135 15.99 31.20 -20.79
CA PHE D 135 16.66 29.99 -21.24
C PHE D 135 15.99 29.50 -22.53
N GLY D 136 16.77 28.96 -23.45
CA GLY D 136 16.20 28.49 -24.69
C GLY D 136 16.82 27.20 -25.21
N VAL D 137 15.99 26.35 -25.80
CA VAL D 137 16.44 25.08 -26.34
C VAL D 137 15.44 24.68 -27.44
N TYR D 138 15.90 23.87 -28.38
CA TYR D 138 15.05 23.46 -29.48
C TYR D 138 13.83 22.65 -29.11
N GLY D 139 14.06 21.53 -28.44
CA GLY D 139 12.96 20.64 -28.10
C GLY D 139 12.31 20.89 -26.76
N SER D 140 12.96 20.44 -25.70
CA SER D 140 12.45 20.61 -24.34
C SER D 140 13.64 20.54 -23.39
N PRO D 141 13.51 21.13 -22.20
CA PRO D 141 14.58 21.12 -21.20
C PRO D 141 15.02 19.70 -20.88
N VAL D 142 14.07 18.76 -20.91
CA VAL D 142 14.34 17.37 -20.61
C VAL D 142 15.10 16.68 -21.73
N ASN D 143 14.81 17.05 -22.97
CA ASN D 143 15.48 16.45 -24.11
C ASN D 143 15.63 17.51 -25.20
N PRO D 144 16.79 18.16 -25.26
CA PRO D 144 17.11 19.22 -26.22
C PRO D 144 16.73 18.98 -27.68
N PHE D 145 17.00 17.78 -28.20
CA PHE D 145 16.69 17.52 -29.61
C PHE D 145 15.48 16.65 -29.90
N ASP D 146 15.16 15.72 -29.01
CA ASP D 146 14.02 14.84 -29.24
C ASP D 146 12.79 15.18 -28.40
N GLY D 147 12.96 16.10 -27.44
CA GLY D 147 11.83 16.51 -26.62
C GLY D 147 10.85 17.32 -27.45
N GLU D 148 9.57 17.16 -27.17
CA GLU D 148 8.56 17.90 -27.93
C GLU D 148 7.49 18.54 -27.03
N ILE D 149 7.45 19.87 -27.02
CA ILE D 149 6.48 20.58 -26.22
C ILE D 149 5.28 20.90 -27.10
N LEU D 150 4.12 20.39 -26.69
CA LEU D 150 2.88 20.57 -27.44
C LEU D 150 2.15 21.88 -27.20
N PRO D 151 1.49 22.40 -28.22
CA PRO D 151 0.75 23.66 -28.06
C PRO D 151 -0.67 23.27 -27.60
N ASP D 152 -1.44 24.26 -27.16
CA ASP D 152 -2.82 24.04 -26.73
C ASP D 152 -3.07 23.09 -25.56
N GLN D 153 -2.14 23.01 -24.62
CA GLN D 153 -2.32 22.14 -23.46
C GLN D 153 -2.75 22.96 -22.25
N PRO D 154 -3.11 22.29 -21.15
CA PRO D 154 -3.53 22.97 -19.93
C PRO D 154 -2.32 23.62 -19.26
N THR D 155 -2.56 24.66 -18.48
CA THR D 155 -1.47 25.35 -17.78
C THR D 155 -0.62 24.38 -16.97
N SER D 156 -1.26 23.37 -16.37
CA SER D 156 -0.53 22.38 -15.57
C SER D 156 0.56 21.68 -16.40
N TYR D 157 0.29 21.54 -17.71
CA TYR D 157 1.24 20.90 -18.61
C TYR D 157 2.51 21.75 -18.73
N TYR D 158 2.33 23.04 -18.98
CA TYR D 158 3.49 23.93 -19.12
C TYR D 158 4.16 24.22 -17.77
N GLU D 159 3.39 24.18 -16.70
CA GLU D 159 3.94 24.43 -15.37
C GLU D 159 4.93 23.33 -14.97
N ALA D 160 4.63 22.09 -15.35
CA ALA D 160 5.50 20.96 -15.03
C ALA D 160 6.78 21.02 -15.88
N ILE D 161 6.67 21.60 -17.06
CA ILE D 161 7.80 21.73 -17.96
C ILE D 161 8.69 22.91 -17.55
N MET D 162 8.07 23.94 -16.96
CA MET D 162 8.82 25.11 -16.54
C MET D 162 9.53 24.91 -15.20
N ARG D 163 8.98 24.02 -14.38
CA ARG D 163 9.55 23.79 -13.06
C ARG D 163 11.07 23.55 -13.00
N PRO D 164 11.60 22.64 -13.85
CA PRO D 164 13.05 22.36 -13.84
C PRO D 164 13.91 23.53 -14.29
N VAL D 165 13.27 24.57 -14.83
CA VAL D 165 14.00 25.75 -15.26
C VAL D 165 13.34 26.99 -14.66
N LYS D 166 12.80 26.84 -13.46
CA LYS D 166 12.12 27.93 -12.77
C LYS D 166 13.04 29.08 -12.40
N GLU D 167 14.35 28.89 -12.49
CA GLU D 167 15.27 29.97 -12.17
C GLU D 167 15.12 31.08 -13.23
N TYR D 168 14.60 30.70 -14.39
CA TYR D 168 14.44 31.63 -15.50
C TYR D 168 13.05 32.20 -15.65
N GLU D 169 12.97 33.45 -16.07
CA GLU D 169 11.66 34.09 -16.25
C GLU D 169 10.93 33.60 -17.49
N MET D 170 11.67 33.17 -18.49
CA MET D 170 11.08 32.71 -19.74
C MET D 170 11.86 31.56 -20.38
N LEU D 171 11.13 30.56 -20.84
CA LEU D 171 11.71 29.39 -21.51
C LEU D 171 11.30 29.51 -22.97
N LEU D 172 12.29 29.60 -23.87
CA LEU D 172 11.98 29.71 -25.29
C LEU D 172 12.23 28.37 -25.96
N VAL D 173 11.24 27.87 -26.69
CA VAL D 173 11.36 26.59 -27.36
C VAL D 173 10.83 26.64 -28.78
N ALA D 174 11.33 25.74 -29.62
CA ALA D 174 10.89 25.70 -30.99
C ALA D 174 9.85 24.60 -31.27
N SER D 175 9.97 23.49 -30.54
CA SER D 175 9.10 22.34 -30.80
C SER D 175 7.58 22.53 -30.89
N PRO D 176 7.00 23.57 -30.27
CA PRO D 176 5.54 23.70 -30.41
C PRO D 176 5.09 24.06 -31.83
N ARG D 177 5.98 24.70 -32.61
CA ARG D 177 5.70 25.08 -34.00
C ARG D 177 4.65 26.17 -34.18
N TYR D 178 3.88 26.44 -33.12
CA TYR D 178 2.84 27.46 -33.15
C TYR D 178 3.13 28.49 -32.07
N PRO D 179 2.65 29.73 -32.26
CA PRO D 179 2.88 30.76 -31.24
C PRO D 179 2.34 30.24 -29.92
N LEU D 180 3.14 30.36 -28.86
CA LEU D 180 2.74 29.91 -27.54
C LEU D 180 3.28 30.91 -26.51
N ASP D 181 2.47 31.22 -25.52
CA ASP D 181 2.86 32.14 -24.46
C ASP D 181 2.06 31.73 -23.24
N ALA D 182 2.53 30.68 -22.55
CA ALA D 182 1.84 30.15 -21.38
C ALA D 182 2.48 30.56 -20.07
N MET D 183 1.78 31.38 -19.30
CA MET D 183 2.27 31.86 -18.00
C MET D 183 2.09 30.75 -16.97
N THR D 184 3.07 30.55 -16.10
CA THR D 184 2.96 29.53 -15.06
C THR D 184 3.56 30.14 -13.81
N MET D 185 3.38 29.49 -12.67
CA MET D 185 3.91 30.01 -11.42
C MET D 185 5.43 30.00 -11.41
N TYR D 186 6.02 29.26 -12.36
CA TYR D 186 7.47 29.17 -12.43
C TYR D 186 8.04 29.95 -13.58
N GLY D 187 7.21 30.67 -14.31
CA GLY D 187 7.70 31.44 -15.43
C GLY D 187 6.89 31.19 -16.69
N ARG D 188 7.23 31.86 -17.79
CA ARG D 188 6.49 31.71 -19.04
C ARG D 188 7.14 30.77 -20.04
N VAL D 189 6.31 29.94 -20.68
CA VAL D 189 6.81 29.03 -21.70
C VAL D 189 6.38 29.64 -23.02
N VAL D 190 7.37 29.98 -23.85
CA VAL D 190 7.09 30.63 -25.13
C VAL D 190 7.69 29.99 -26.39
N CYS D 191 6.92 30.00 -27.47
CA CYS D 191 7.35 29.51 -28.78
C CYS D 191 7.03 30.66 -29.73
N PRO D 192 8.02 31.13 -30.51
CA PRO D 192 7.79 32.23 -31.44
C PRO D 192 6.95 31.85 -32.66
N GLY D 193 6.76 30.55 -32.85
CA GLY D 193 6.03 30.06 -33.99
C GLY D 193 7.07 29.48 -34.93
N SER D 194 6.67 29.20 -36.17
CA SER D 194 7.57 28.62 -37.15
C SER D 194 7.81 29.59 -38.33
N ILE D 195 9.08 29.82 -38.65
CA ILE D 195 9.44 30.72 -39.74
C ILE D 195 9.27 30.06 -41.11
N GLY D 196 9.89 28.90 -41.31
CA GLY D 196 9.80 28.25 -42.61
C GLY D 196 9.42 26.79 -42.67
N PHE D 197 8.97 26.23 -41.56
CA PHE D 197 8.58 24.82 -41.49
C PHE D 197 7.09 24.77 -41.20
N PRO D 198 6.26 24.72 -42.25
CA PRO D 198 4.79 24.68 -42.10
C PRO D 198 4.26 23.56 -41.24
N PRO D 199 3.47 23.89 -40.20
CA PRO D 199 2.90 22.88 -39.31
C PRO D 199 1.58 22.42 -39.90
N ALA D 200 1.02 23.26 -40.75
CA ALA D 200 -0.25 22.95 -41.40
C ALA D 200 -0.34 23.73 -42.69
N ARG D 201 -1.56 23.91 -43.19
CA ARG D 201 -1.78 24.63 -44.43
C ARG D 201 -1.76 26.14 -44.26
N GLU D 202 -1.73 26.83 -45.40
CA GLU D 202 -1.72 28.27 -45.46
C GLU D 202 -0.71 28.87 -44.47
N HIS D 203 0.47 28.27 -44.43
CA HIS D 203 1.49 28.73 -43.51
C HIS D 203 2.10 30.10 -43.84
N LYS D 204 2.26 30.91 -42.80
CA LYS D 204 2.85 32.23 -42.92
C LYS D 204 4.09 32.25 -42.03
N ALA D 205 5.17 32.87 -42.49
CA ALA D 205 6.38 32.95 -41.68
C ALA D 205 5.96 33.62 -40.38
N THR D 206 6.20 32.95 -39.27
CA THR D 206 5.79 33.47 -37.97
C THR D 206 6.95 33.60 -37.00
N PHE D 207 6.96 34.70 -36.24
CA PHE D 207 7.99 34.94 -35.24
C PHE D 207 7.44 35.85 -34.14
N ALA D 208 8.26 36.14 -33.15
CA ALA D 208 7.81 36.97 -32.03
C ALA D 208 8.76 38.12 -31.69
N LEU D 209 8.18 39.17 -31.09
CA LEU D 209 8.91 40.35 -30.64
C LEU D 209 8.60 40.43 -29.15
N VAL D 210 9.65 40.38 -28.33
CA VAL D 210 9.48 40.44 -26.88
C VAL D 210 9.90 41.79 -26.32
N ASP D 211 8.97 42.42 -25.62
CA ASP D 211 9.22 43.73 -25.01
C ASP D 211 10.30 43.55 -23.96
N ALA D 212 11.44 44.19 -24.17
CA ALA D 212 12.59 44.07 -23.27
C ALA D 212 12.37 44.59 -21.86
N GLU D 213 11.35 45.39 -21.65
CA GLU D 213 11.12 45.93 -20.31
C GLU D 213 9.94 45.26 -19.60
N THR D 214 8.91 44.88 -20.35
CA THR D 214 7.74 44.24 -19.74
C THR D 214 7.61 42.75 -20.04
N LEU D 215 8.44 42.25 -20.95
CA LEU D 215 8.41 40.84 -21.36
C LEU D 215 7.14 40.45 -22.11
N LYS D 216 6.33 41.45 -22.45
CA LYS D 216 5.18 41.17 -23.26
C LYS D 216 5.61 40.69 -24.64
N VAL D 217 4.92 39.65 -25.10
CA VAL D 217 5.29 39.01 -26.35
C VAL D 217 4.28 39.35 -27.43
N LYS D 218 4.81 39.79 -28.58
CA LYS D 218 3.91 40.07 -29.69
C LYS D 218 4.19 39.12 -30.87
N PHE D 219 3.18 38.50 -31.46
CA PHE D 219 3.40 37.56 -32.57
C PHE D 219 3.15 38.23 -33.93
N ILE D 220 4.03 37.94 -34.88
CA ILE D 220 3.92 38.51 -36.22
C ILE D 220 3.89 37.42 -37.30
N GLU D 221 3.01 37.58 -38.28
CA GLU D 221 2.86 36.63 -39.38
C GLU D 221 3.08 37.35 -40.71
N VAL D 222 3.91 36.77 -41.58
CA VAL D 222 4.23 37.35 -42.87
C VAL D 222 4.12 36.34 -44.00
N GLU D 223 3.54 36.74 -45.13
CA GLU D 223 3.39 35.86 -46.27
C GLU D 223 4.70 35.75 -47.06
N TYR D 224 4.87 34.61 -47.72
CA TYR D 224 6.04 34.39 -48.55
C TYR D 224 5.61 33.53 -49.74
N ASP D 225 6.36 33.62 -50.83
CA ASP D 225 5.99 32.87 -52.02
C ASP D 225 6.39 31.40 -51.98
N LYS D 226 5.38 30.53 -51.95
CA LYS D 226 5.63 29.09 -51.89
C LYS D 226 5.94 28.46 -53.25
N LYS D 227 5.45 29.09 -54.32
CA LYS D 227 5.68 28.56 -55.66
C LYS D 227 7.15 28.49 -56.01
N ILE D 228 7.91 29.52 -55.65
CA ILE D 228 9.33 29.49 -55.97
C ILE D 228 10.02 28.38 -55.18
N ILE D 229 9.54 28.12 -53.96
CA ILE D 229 10.12 27.05 -53.16
C ILE D 229 9.78 25.72 -53.84
N GLU D 230 8.55 25.62 -54.33
CA GLU D 230 8.12 24.40 -55.03
C GLU D 230 9.05 24.17 -56.22
N ASP D 231 9.21 25.21 -57.03
CA ASP D 231 10.06 25.15 -58.22
C ASP D 231 11.50 24.76 -57.87
N ARG D 232 11.99 25.24 -56.72
CA ARG D 232 13.34 24.91 -56.32
C ARG D 232 13.45 23.46 -55.86
N ILE D 233 12.39 22.97 -55.22
CA ILE D 233 12.37 21.59 -54.75
C ILE D 233 12.46 20.65 -55.94
N LYS D 234 11.69 20.95 -56.99
CA LYS D 234 11.70 20.15 -58.20
C LYS D 234 13.04 20.21 -58.92
N LEU D 235 13.57 21.42 -59.07
CA LEU D 235 14.84 21.61 -59.73
C LEU D 235 15.94 20.78 -59.04
N GLU D 236 15.87 20.65 -57.73
CA GLU D 236 16.86 19.87 -56.99
C GLU D 236 16.48 18.40 -56.92
N LYS D 237 15.39 18.03 -57.57
CA LYS D 237 14.92 16.65 -57.61
C LYS D 237 14.67 16.04 -56.22
N LEU D 238 14.18 16.86 -55.29
CA LEU D 238 13.89 16.37 -53.95
C LEU D 238 12.50 15.72 -53.95
N PRO D 239 12.21 14.87 -52.95
CA PRO D 239 10.93 14.17 -52.83
C PRO D 239 9.68 15.04 -52.91
N GLU D 240 8.65 14.50 -53.53
CA GLU D 240 7.36 15.18 -53.68
C GLU D 240 6.84 15.51 -52.29
N GLU D 241 7.17 14.66 -51.33
CA GLU D 241 6.74 14.85 -49.95
C GLU D 241 7.11 16.23 -49.38
N VAL D 242 8.24 16.76 -49.83
CA VAL D 242 8.67 18.08 -49.36
C VAL D 242 7.70 19.14 -49.86
N ILE D 243 7.10 18.91 -51.02
CA ILE D 243 6.13 19.85 -51.57
C ILE D 243 4.82 19.74 -50.80
N LYS D 244 4.45 18.53 -50.40
CA LYS D 244 3.22 18.35 -49.65
C LYS D 244 3.34 19.03 -48.29
N ILE D 245 4.52 18.94 -47.69
CA ILE D 245 4.75 19.57 -46.39
C ILE D 245 4.63 21.08 -46.57
N LEU D 246 5.22 21.58 -47.66
CA LEU D 246 5.18 23.00 -47.96
C LEU D 246 3.76 23.57 -47.93
N TYR D 247 2.82 22.83 -48.54
CA TYR D 247 1.43 23.27 -48.63
C TYR D 247 0.46 22.72 -47.59
N HIS D 248 0.76 21.56 -47.02
CA HIS D 248 -0.17 20.94 -46.07
C HIS D 248 0.44 20.73 -44.67
N GLY D 249 1.72 21.09 -44.51
CA GLY D 249 2.38 20.92 -43.23
C GLY D 249 2.92 19.52 -42.99
N GLY D 250 3.76 19.40 -41.98
CA GLY D 250 4.34 18.12 -41.63
C GLY D 250 4.85 18.22 -40.20
N LYS D 251 5.22 17.10 -39.61
CA LYS D 251 5.73 17.13 -38.24
C LYS D 251 7.25 17.04 -38.27
N ALA D 252 7.89 17.65 -37.28
CA ALA D 252 9.35 17.66 -37.19
C ALA D 252 9.94 16.26 -37.09
#